data_9M3F
#
_entry.id   9M3F
#
_cell.length_a   1.00
_cell.length_b   1.00
_cell.length_c   1.00
_cell.angle_alpha   90.00
_cell.angle_beta   90.00
_cell.angle_gamma   90.00
#
_symmetry.space_group_name_H-M   'P 1'
#
loop_
_entity.id
_entity.type
_entity.pdbx_description
1 polymer 'Angiotensin-converting enzyme'
2 polymer 'Spike glycoprotein'
3 branched 2-acetamido-2-deoxy-beta-D-glucopyranose-(1-4)-2-acetamido-2-deoxy-beta-D-glucopyranose
#
loop_
_entity_poly.entity_id
_entity_poly.type
_entity_poly.pdbx_seq_one_letter_code
_entity_poly.pdbx_strand_id
1 'polypeptide(L)'
;STTEDEAKKFLNDFNSEAENLTYQSSLASWDYNTNISDENVQKMDEAGAKWSAFYEEQSKIAKNYPLEEIQTDIVKRQLQ
ILQQSGSPVLSEDKSKRLNSILNAMSTIYSTGKVCKPNNPQECLLLEPGLDNIMGTSKDYHERLWAWEGWRAEVGKQLRP
LYEEYVVLKNEMARGYHYEDYGDYWRRDYETEESSGPGYSRDQLMKDVDRIFTEIKPLYEHLHAYVRAKLMDTYPLHISP
TGCLPAHLLGDMWGRFWTNLYPLTVPFGQKPNIDVTDEMVKQGWDANRIFKEAEKFFVSVGLPNMTEGFWNNSMLTEPGD
GRKVVCHPTAWDLGKGDFRIKMCTKVTMEDFLTAHHEMGHIQYDMAYASQPYLLRNGANEGFHEAVGEVMSLSVATPKHL
KTMGLLSPDFREDDETEINFLLKQALNIVGTLPFTYMLEKWRWMVFKGEIPKEEWMKKWWEMRREIVGVVEPVPHDETYC
DPASLFHVANDYSFIRYYTRTIFEFQFHEALCRIAQHNGPLHKCDISNSTDAGKKLHQMLSVGKSQAWTKTLEDIVGSRN
MDVGPLLRYFEPLYTWLQEQNRKSYVGWNTDWSPYSD
;
A
2 'polypeptide(L)'
;EFKLATMGILPSPGMPALLSLVSLLSVLLMGCVAETGVYGCVNITYGSHHLYVSSRTRGVYYPDDAFRSSTNVLHEGFFL
PFDSNVTWYSFWNQKYSVATSPFGDGVYFSTIDKSNVVRGWVFGTTLDNDTQSVLLYNDGTHVRVEVCTFHFCPTPVFSA
SSPHLYSSAFNCTLNYTLASVRADFTEVDGSFKTIREFVFKLQDGSLNVYYASTSYVLAIGATSQLPSGVTPLVPLWKIP
IGLNITNFKTLVYLRSDNTPLQAAYVVGHLKRRTMMFKYDENGTIVDAIDCALDPLSETKCTLRSFIVEKGIYQTSNFRV
QPQDTVVRFPNITNLCPFSEVFNATTFASVYAWNRKRISNCVADYSVLYNSTSFSTFQCYGVSSTKLNDLCFTNVYADSF
VVRGDEVRQIAPGQTGVIADYNYKLPDDFTGCVLAWNSRNQDASTSGNFNYYYRIWRSEKLRPFERDIAHYDYQVGTQFK
SSLKNYGFYSSAGDSHQPYRVVVLSFELLNAPATVCGPKQSTELIKNKCVNFNFNGLTGTGVLTDSNKKFQSFQQFGRDV
SDFTDSVKDPKTLEVLDITPCSYGGVSVITPGTNASTQVAVLYQDVNCTDVPTAIHAEQLTPSWRVYSTGTNMFQTQAGC
LIGAEHVNNSYDCDIPIGAGICATYHTPSMLRSANNNKRIVAYVMSLGAENSVAYSNNTIAIPTNFTISVTTEVMPVSMT
KTSVDCTMYICGDSVECSTLLLQYGSFCTQLNRALTGIAVEQDKNTQEVFAQVKQIYKTPDIKDFGGFNFSQILPDPSKP
SKRSPIEDLLFNKVTLADAGFVKQYGDCLGDIQARDLICAQKFNGLTVLPPLLTDEMIAAYTAALISGTATAGWTFGAGP
ALQIPFPMQMAYRFNGIGVTQNVLYENQKLIANQFNSAIGKIQESLTSTPSALGKLQDVVNQNAQALNTLVKQLSSNFGA
ISSVLNDIISRLDPPEAEVQIDRLITGRLQSLQTYVTQQLIRAAEIRASANLAATKMSECVLGQSKRVDFCGKGYHLMSF
PQAAPHGVVFLHVTYIPSQERNFTTAPAICHEGKAHFPREGVFVSNGTHWFITQRNFYEPQIITTDNTFVSGTCDVVIGI
VNNTVYDPLQPELESFKDELDKYFKNHTSPDIDLGDISGINASVVDIQKEIDILKDVAKNLNESLINLQELGKYEQYIGT
KHHHHHH
;
B
#
loop_
_chem_comp.id
_chem_comp.type
_chem_comp.name
_chem_comp.formula
NAG D-saccharide, beta linking 2-acetamido-2-deoxy-beta-D-glucopyranose 'C8 H15 N O6'
#
# COMPACT_ATOMS: atom_id res chain seq x y z
N SER A 1 -27.92 -0.89 21.12
CA SER A 1 -26.85 -0.78 20.10
C SER A 1 -26.68 0.67 19.66
N THR A 2 -25.49 1.23 19.83
CA THR A 2 -25.22 2.62 19.41
C THR A 2 -25.10 2.67 17.90
N THR A 3 -25.22 3.87 17.31
CA THR A 3 -25.04 4.00 15.85
C THR A 3 -23.67 3.49 15.50
N GLU A 4 -22.68 3.77 16.36
CA GLU A 4 -21.30 3.28 16.13
C GLU A 4 -21.31 1.75 15.99
N ASP A 5 -22.03 1.06 16.89
CA ASP A 5 -22.05 -0.43 16.86
C ASP A 5 -22.54 -0.91 15.48
N GLU A 6 -23.66 -0.37 15.01
CA GLU A 6 -24.23 -0.78 13.70
C GLU A 6 -23.25 -0.40 12.59
N ALA A 7 -22.61 0.77 12.71
CA ALA A 7 -21.62 1.22 11.70
C ALA A 7 -20.46 0.23 11.63
N LYS A 8 -20.00 -0.27 12.77
CA LYS A 8 -18.88 -1.23 12.77
C LYS A 8 -19.29 -2.53 12.06
N LYS A 9 -20.49 -3.03 12.36
CA LYS A 9 -21.00 -4.26 11.72
C LYS A 9 -21.08 -4.05 10.20
N PHE A 10 -21.65 -2.91 9.78
CA PHE A 10 -21.81 -2.63 8.33
C PHE A 10 -20.45 -2.54 7.67
N LEU A 11 -19.51 -1.86 8.31
CA LEU A 11 -18.18 -1.69 7.70
C LEU A 11 -17.46 -3.04 7.62
N ASN A 12 -17.60 -3.87 8.63
CA ASN A 12 -16.94 -5.20 8.60
C ASN A 12 -17.47 -6.03 7.43
N ASP A 13 -18.80 -6.10 7.29
CA ASP A 13 -19.40 -6.83 6.15
C ASP A 13 -18.93 -6.19 4.84
N PHE A 14 -18.82 -4.87 4.81
CA PHE A 14 -18.38 -4.16 3.58
C PHE A 14 -16.94 -4.56 3.24
N ASN A 15 -16.06 -4.60 4.23
CA ASN A 15 -14.65 -4.95 3.92
C ASN A 15 -14.57 -6.40 3.43
N SER A 16 -15.38 -7.28 4.03
CA SER A 16 -15.40 -8.71 3.63
C SER A 16 -15.71 -8.83 2.14
N GLU A 17 -16.88 -8.33 1.71
CA GLU A 17 -17.29 -8.45 0.30
C GLU A 17 -16.42 -7.54 -0.59
N ALA A 18 -15.91 -6.45 -0.04
CA ALA A 18 -15.13 -5.50 -0.86
C ALA A 18 -13.78 -6.12 -1.23
N GLU A 19 -13.11 -6.74 -0.27
CA GLU A 19 -11.82 -7.41 -0.57
C GLU A 19 -12.06 -8.54 -1.58
N ASN A 20 -13.20 -9.24 -1.45
CA ASN A 20 -13.54 -10.36 -2.36
C ASN A 20 -13.73 -9.85 -3.79
N LEU A 21 -14.58 -8.84 -3.97
CA LEU A 21 -14.88 -8.35 -5.34
C LEU A 21 -13.65 -7.61 -5.91
N THR A 22 -12.97 -6.80 -5.10
CA THR A 22 -11.85 -6.00 -5.65
C THR A 22 -10.77 -6.93 -6.16
N TYR A 23 -10.38 -7.93 -5.35
CA TYR A 23 -9.27 -8.83 -5.76
C TYR A 23 -9.63 -9.49 -7.08
N GLN A 24 -10.87 -9.97 -7.18
CA GLN A 24 -11.33 -10.64 -8.43
C GLN A 24 -11.32 -9.64 -9.59
N SER A 25 -11.80 -8.40 -9.35
CA SER A 25 -11.71 -7.38 -10.42
C SER A 25 -10.24 -7.10 -10.79
N SER A 26 -9.39 -7.02 -9.78
CA SER A 26 -7.95 -6.76 -10.03
C SER A 26 -7.34 -7.96 -10.79
N LEU A 27 -7.76 -9.18 -10.45
CA LEU A 27 -7.24 -10.35 -11.18
C LEU A 27 -7.68 -10.28 -12.65
N ALA A 28 -8.94 -9.93 -12.89
CA ALA A 28 -9.42 -9.82 -14.29
C ALA A 28 -8.64 -8.73 -15.03
N SER A 29 -8.42 -7.60 -14.36
CA SER A 29 -7.69 -6.48 -15.01
C SER A 29 -6.25 -6.91 -15.30
N TRP A 30 -5.63 -7.64 -14.38
CA TRP A 30 -4.24 -8.12 -14.61
C TRP A 30 -4.19 -9.07 -15.79
N ASP A 31 -5.17 -9.98 -15.87
CA ASP A 31 -5.20 -10.94 -17.00
C ASP A 31 -5.36 -10.18 -18.33
N TYR A 32 -6.22 -9.17 -18.35
CA TYR A 32 -6.43 -8.45 -19.63
C TYR A 32 -5.19 -7.61 -19.98
N ASN A 33 -4.65 -6.89 -19.00
CA ASN A 33 -3.50 -6.00 -19.28
C ASN A 33 -2.25 -6.84 -19.62
N THR A 34 -2.24 -8.11 -19.19
CA THR A 34 -1.09 -8.99 -19.51
C THR A 34 -1.41 -9.89 -20.70
N ASN A 35 -2.69 -10.03 -21.06
CA ASN A 35 -3.10 -10.85 -22.23
C ASN A 35 -4.21 -10.07 -22.93
N ILE A 36 -3.87 -9.45 -24.06
CA ILE A 36 -4.88 -8.59 -24.76
C ILE A 36 -5.79 -9.49 -25.59
N SER A 37 -7.09 -9.47 -25.31
CA SER A 37 -8.06 -10.31 -26.06
C SER A 37 -9.49 -9.85 -25.76
N ASP A 38 -10.40 -10.07 -26.72
CA ASP A 38 -11.83 -9.69 -26.51
C ASP A 38 -12.39 -10.48 -25.32
N GLU A 39 -11.99 -11.74 -25.19
CA GLU A 39 -12.45 -12.59 -24.06
C GLU A 39 -12.03 -11.94 -22.74
N ASN A 40 -10.76 -11.53 -22.65
CA ASN A 40 -10.23 -10.94 -21.38
C ASN A 40 -10.97 -9.64 -21.07
N VAL A 41 -11.14 -8.78 -22.08
CA VAL A 41 -11.80 -7.45 -21.84
C VAL A 41 -13.24 -7.73 -21.38
N GLN A 42 -13.87 -8.79 -21.92
CA GLN A 42 -15.24 -9.16 -21.49
C GLN A 42 -15.22 -9.46 -19.98
N LYS A 43 -14.30 -10.32 -19.55
CA LYS A 43 -14.19 -10.69 -18.11
C LYS A 43 -13.97 -9.43 -17.28
N MET A 44 -12.98 -8.61 -17.64
CA MET A 44 -12.66 -7.38 -16.87
C MET A 44 -13.95 -6.58 -16.68
N ASP A 45 -14.71 -6.36 -17.76
CA ASP A 45 -15.95 -5.54 -17.67
C ASP A 45 -16.92 -6.18 -16.67
N GLU A 46 -17.10 -7.50 -16.76
CA GLU A 46 -18.04 -8.21 -15.87
C GLU A 46 -17.59 -8.01 -14.41
N ALA A 47 -16.28 -8.17 -14.15
CA ALA A 47 -15.74 -7.99 -12.78
C ALA A 47 -15.97 -6.55 -12.33
N GLY A 48 -15.74 -5.59 -13.22
CA GLY A 48 -15.90 -4.17 -12.87
C GLY A 48 -17.36 -3.79 -12.67
N ALA A 49 -18.24 -4.36 -13.50
CA ALA A 49 -19.69 -4.08 -13.32
C ALA A 49 -20.16 -4.61 -11.96
N LYS A 50 -19.72 -5.82 -11.61
CA LYS A 50 -20.11 -6.39 -10.29
C LYS A 50 -19.57 -5.48 -9.17
N TRP A 51 -18.31 -5.08 -9.27
CA TRP A 51 -17.71 -4.24 -8.20
C TRP A 51 -18.43 -2.90 -8.11
N SER A 52 -18.73 -2.30 -9.25
CA SER A 52 -19.37 -0.96 -9.24
C SER A 52 -20.79 -1.05 -8.67
N ALA A 53 -21.53 -2.08 -9.06
CA ALA A 53 -22.91 -2.24 -8.55
C ALA A 53 -22.87 -2.43 -7.02
N PHE A 54 -21.95 -3.29 -6.56
CA PHE A 54 -21.84 -3.53 -5.10
C PHE A 54 -21.45 -2.25 -4.39
N TYR A 55 -20.50 -1.51 -4.96
CA TYR A 55 -20.02 -0.27 -4.29
C TYR A 55 -21.14 0.75 -4.22
N GLU A 56 -21.91 0.89 -5.29
CA GLU A 56 -23.05 1.86 -5.27
C GLU A 56 -24.07 1.42 -4.23
N GLU A 57 -24.41 0.13 -4.20
CA GLU A 57 -25.45 -0.33 -3.26
C GLU A 57 -24.97 -0.11 -1.81
N GLN A 58 -23.70 -0.38 -1.54
CA GLN A 58 -23.19 -0.21 -0.16
C GLN A 58 -23.07 1.28 0.18
N SER A 59 -22.70 2.11 -0.79
CA SER A 59 -22.60 3.57 -0.54
C SER A 59 -23.97 4.15 -0.19
N LYS A 60 -25.02 3.65 -0.84
CA LYS A 60 -26.38 4.14 -0.51
C LYS A 60 -26.74 3.80 0.95
N ILE A 61 -26.40 2.59 1.38
CA ILE A 61 -26.76 2.18 2.76
C ILE A 61 -25.89 2.94 3.77
N ALA A 62 -24.65 3.25 3.41
CA ALA A 62 -23.72 3.87 4.39
C ALA A 62 -24.25 5.22 4.89
N LYS A 63 -25.19 5.81 4.16
CA LYS A 63 -25.72 7.14 4.56
C LYS A 63 -26.74 6.99 5.69
N ASN A 64 -27.01 5.76 6.11
CA ASN A 64 -27.97 5.54 7.22
C ASN A 64 -27.33 5.85 8.58
N TYR A 65 -25.99 5.98 8.61
CA TYR A 65 -25.27 6.21 9.88
C TYR A 65 -24.65 7.60 9.86
N PRO A 66 -25.28 8.60 10.51
CA PRO A 66 -24.74 9.96 10.55
C PRO A 66 -23.33 10.00 11.13
N LEU A 67 -22.44 10.76 10.48
CA LEU A 67 -21.03 10.85 10.92
C LEU A 67 -20.95 11.49 12.31
N GLU A 68 -21.93 12.33 12.66
CA GLU A 68 -21.93 13.03 13.97
C GLU A 68 -21.95 12.00 15.11
N GLU A 69 -22.97 11.14 15.13
CA GLU A 69 -23.09 10.14 16.23
C GLU A 69 -21.84 9.26 16.30
N ILE A 70 -21.08 9.21 15.22
CA ILE A 70 -19.84 8.38 15.24
C ILE A 70 -18.79 9.05 16.12
N GLN A 71 -18.10 8.26 16.95
CA GLN A 71 -17.06 8.82 17.86
C GLN A 71 -15.67 8.46 17.31
N THR A 72 -15.41 7.17 17.06
CA THR A 72 -14.09 6.73 16.57
C THR A 72 -13.81 7.40 15.24
N ASP A 73 -12.63 8.00 15.10
CA ASP A 73 -12.25 8.70 13.84
C ASP A 73 -12.19 7.68 12.70
N ILE A 74 -11.57 6.53 12.93
CA ILE A 74 -11.42 5.49 11.88
C ILE A 74 -12.79 5.21 11.26
N VAL A 75 -13.77 4.83 12.09
CA VAL A 75 -15.13 4.50 11.59
C VAL A 75 -15.72 5.74 10.89
N LYS A 76 -15.50 6.91 11.49
CA LYS A 76 -16.05 8.15 10.88
C LYS A 76 -15.42 8.39 9.50
N ARG A 77 -14.11 8.17 9.38
CA ARG A 77 -13.45 8.41 8.08
C ARG A 77 -13.93 7.38 7.04
N GLN A 78 -14.11 6.13 7.45
CA GLN A 78 -14.64 5.13 6.50
C GLN A 78 -16.05 5.53 6.05
N LEU A 79 -16.88 5.97 7.00
CA LEU A 79 -18.26 6.37 6.63
C LEU A 79 -18.21 7.61 5.73
N GLN A 80 -17.29 8.53 5.99
CA GLN A 80 -17.18 9.73 5.13
C GLN A 80 -16.79 9.29 3.70
N ILE A 81 -15.84 8.38 3.59
CA ILE A 81 -15.40 7.95 2.23
C ILE A 81 -16.58 7.29 1.51
N LEU A 82 -17.35 6.46 2.21
CA LEU A 82 -18.49 5.79 1.55
C LEU A 82 -19.58 6.80 1.20
N GLN A 83 -19.84 7.77 2.09
CA GLN A 83 -20.98 8.69 1.86
C GLN A 83 -20.64 9.76 0.82
N GLN A 84 -19.37 10.07 0.64
CA GLN A 84 -19.02 11.19 -0.28
C GLN A 84 -19.47 10.86 -1.71
N SER A 85 -19.27 9.62 -2.16
CA SER A 85 -19.63 9.26 -3.56
C SER A 85 -20.43 7.95 -3.59
N GLY A 86 -20.49 7.29 -4.75
CA GLY A 86 -21.17 5.99 -4.87
C GLY A 86 -22.67 6.13 -5.09
N SER A 87 -23.14 7.29 -5.57
CA SER A 87 -24.57 7.49 -5.87
C SER A 87 -24.79 8.71 -6.77
N PRO A 88 -24.85 8.55 -8.11
CA PRO A 88 -25.02 9.67 -9.01
C PRO A 88 -26.37 10.37 -8.80
N VAL A 89 -26.44 11.67 -9.12
CA VAL A 89 -27.70 12.44 -8.89
C VAL A 89 -28.34 12.81 -10.25
N LEU A 90 -27.57 12.74 -11.35
CA LEU A 90 -28.09 13.13 -12.68
C LEU A 90 -29.24 12.20 -13.09
N SER A 91 -30.21 12.71 -13.84
CA SER A 91 -31.36 11.89 -14.31
C SER A 91 -30.86 10.85 -15.33
N GLU A 92 -31.69 9.85 -15.65
CA GLU A 92 -31.23 8.76 -16.55
C GLU A 92 -30.82 9.36 -17.90
N ASP A 93 -31.62 10.27 -18.43
CA ASP A 93 -31.25 10.92 -19.71
C ASP A 93 -29.93 11.70 -19.54
N LYS A 94 -29.82 12.44 -18.45
CA LYS A 94 -28.61 13.26 -18.24
C LYS A 94 -27.39 12.34 -18.00
N SER A 95 -27.59 11.26 -17.26
CA SER A 95 -26.48 10.33 -16.99
C SER A 95 -25.99 9.69 -18.31
N LYS A 96 -26.93 9.23 -19.13
CA LYS A 96 -26.57 8.63 -20.45
C LYS A 96 -25.84 9.69 -21.28
N ARG A 97 -26.37 10.91 -21.32
CA ARG A 97 -25.75 11.99 -22.14
C ARG A 97 -24.32 12.23 -21.63
N LEU A 98 -24.16 12.41 -20.31
CA LEU A 98 -22.81 12.64 -19.74
C LEU A 98 -21.88 11.52 -20.23
N ASN A 99 -22.33 10.26 -20.09
CA ASN A 99 -21.47 9.11 -20.53
C ASN A 99 -21.10 9.30 -22.00
N SER A 100 -22.09 9.61 -22.85
CA SER A 100 -21.84 9.80 -24.30
C SER A 100 -20.84 10.95 -24.51
N ILE A 101 -21.07 12.07 -23.84
CA ILE A 101 -20.15 13.25 -23.98
C ILE A 101 -18.72 12.80 -23.62
N LEU A 102 -18.57 12.11 -22.50
CA LEU A 102 -17.22 11.68 -22.05
C LEU A 102 -16.60 10.73 -23.08
N ASN A 103 -17.36 9.72 -23.53
CA ASN A 103 -16.82 8.72 -24.49
C ASN A 103 -16.43 9.43 -25.79
N ALA A 104 -17.28 10.35 -26.26
CA ALA A 104 -17.00 11.08 -27.52
C ALA A 104 -15.69 11.87 -27.36
N MET A 105 -15.55 12.58 -26.24
CA MET A 105 -14.34 13.43 -26.02
C MET A 105 -13.09 12.52 -26.03
N SER A 106 -13.17 11.34 -25.40
CA SER A 106 -12.03 10.40 -25.43
C SER A 106 -11.77 9.94 -26.87
N THR A 107 -12.83 9.57 -27.61
CA THR A 107 -12.67 9.05 -28.99
C THR A 107 -12.01 10.11 -29.85
N ILE A 108 -12.50 11.35 -29.80
CA ILE A 108 -11.95 12.43 -30.67
C ILE A 108 -10.46 12.62 -30.35
N TYR A 109 -10.11 12.64 -29.06
CA TYR A 109 -8.70 12.85 -28.66
C TYR A 109 -7.85 11.71 -29.20
N SER A 110 -8.34 10.47 -29.08
CA SER A 110 -7.55 9.29 -29.51
C SER A 110 -7.41 9.26 -31.03
N THR A 111 -8.47 9.57 -31.77
CA THR A 111 -8.44 9.47 -33.25
C THR A 111 -8.03 10.79 -33.86
N GLY A 112 -7.78 11.82 -33.05
CA GLY A 112 -7.46 13.15 -33.58
C GLY A 112 -6.23 13.12 -34.46
N LYS A 113 -6.33 13.65 -35.68
CA LYS A 113 -5.16 13.71 -36.60
C LYS A 113 -5.12 15.08 -37.28
N VAL A 114 -3.92 15.54 -37.66
CA VAL A 114 -3.77 16.87 -38.33
C VAL A 114 -3.19 16.63 -39.73
N CYS A 115 -3.93 16.94 -40.79
CA CYS A 115 -3.42 16.61 -42.14
C CYS A 115 -2.75 17.81 -42.81
N LYS A 116 -1.66 17.54 -43.52
CA LYS A 116 -0.81 18.62 -44.06
C LYS A 116 -1.56 19.50 -45.07
N PRO A 117 -1.16 20.78 -45.20
CA PRO A 117 -1.82 21.65 -46.17
C PRO A 117 -1.67 21.19 -47.62
N ASN A 118 -0.45 20.84 -48.02
CA ASN A 118 -0.22 20.49 -49.44
C ASN A 118 -0.76 19.10 -49.75
N ASN A 119 -0.58 18.15 -48.83
CA ASN A 119 -1.00 16.75 -49.11
C ASN A 119 -2.07 16.35 -48.08
N PRO A 120 -3.37 16.43 -48.42
CA PRO A 120 -4.39 15.99 -47.47
C PRO A 120 -4.31 14.51 -47.12
N GLN A 121 -3.71 13.70 -48.00
CA GLN A 121 -3.69 12.24 -47.73
C GLN A 121 -2.64 11.89 -46.67
N GLU A 122 -1.56 12.66 -46.61
CA GLU A 122 -0.52 12.46 -45.57
C GLU A 122 -1.04 13.06 -44.25
N CYS A 123 -1.19 12.22 -43.21
CA CYS A 123 -1.74 12.71 -41.92
C CYS A 123 -0.89 12.17 -40.76
N LEU A 124 -0.86 12.90 -39.64
CA LEU A 124 -0.05 12.49 -38.46
C LEU A 124 -0.94 12.42 -37.22
N LEU A 125 -0.99 11.26 -36.56
CA LEU A 125 -1.77 11.14 -35.29
C LEU A 125 -0.93 11.72 -34.14
N LEU A 126 -1.56 11.98 -32.99
CA LEU A 126 -0.82 12.59 -31.85
C LEU A 126 0.37 11.67 -31.50
N GLU A 127 0.11 10.37 -31.39
CA GLU A 127 1.17 9.39 -31.05
C GLU A 127 1.66 8.71 -32.34
N PRO A 128 2.98 8.62 -32.58
CA PRO A 128 3.91 9.66 -32.16
C PRO A 128 4.18 10.70 -33.22
N GLY A 129 3.33 10.75 -34.26
CA GLY A 129 3.54 11.71 -35.36
C GLY A 129 3.66 13.13 -34.86
N LEU A 130 2.60 13.65 -34.22
CA LEU A 130 2.59 15.07 -33.78
C LEU A 130 3.52 15.28 -32.56
N ASP A 131 3.49 14.36 -31.59
CA ASP A 131 4.30 14.58 -30.35
C ASP A 131 5.79 14.67 -30.72
N ASN A 132 6.25 13.86 -31.67
CA ASN A 132 7.67 13.90 -32.11
C ASN A 132 8.01 15.31 -32.59
N ILE A 133 7.11 15.91 -33.38
CA ILE A 133 7.36 17.29 -33.91
C ILE A 133 7.57 18.23 -32.72
N MET A 134 6.61 18.30 -31.80
CA MET A 134 6.73 19.26 -30.67
C MET A 134 7.99 18.92 -29.85
N GLY A 135 8.28 17.62 -29.68
CA GLY A 135 9.42 17.22 -28.84
C GLY A 135 10.76 17.47 -29.50
N THR A 136 10.88 17.29 -30.82
CA THR A 136 12.21 17.40 -31.47
C THR A 136 12.26 18.52 -32.48
N SER A 137 11.17 18.82 -33.18
CA SER A 137 11.24 19.83 -34.27
C SER A 137 11.76 21.17 -33.75
N LYS A 138 12.57 21.86 -34.56
CA LYS A 138 13.06 23.22 -34.18
C LYS A 138 12.66 24.19 -35.29
N ASP A 139 11.81 23.73 -36.22
CA ASP A 139 11.31 24.61 -37.31
C ASP A 139 10.08 25.37 -36.80
N TYR A 140 10.20 26.69 -36.61
CA TYR A 140 9.09 27.46 -36.03
C TYR A 140 7.78 27.17 -36.76
N HIS A 141 7.82 27.14 -38.08
CA HIS A 141 6.54 27.00 -38.83
C HIS A 141 5.99 25.58 -38.76
N GLU A 142 6.88 24.59 -38.68
CA GLU A 142 6.39 23.18 -38.55
C GLU A 142 5.71 23.00 -37.18
N ARG A 143 6.33 23.51 -36.12
CA ARG A 143 5.69 23.41 -34.79
C ARG A 143 4.40 24.24 -34.78
N LEU A 144 4.40 25.38 -35.45
CA LEU A 144 3.16 26.19 -35.51
C LEU A 144 2.06 25.40 -36.24
N TRP A 145 2.42 24.74 -37.34
CA TRP A 145 1.43 23.92 -38.06
C TRP A 145 0.88 22.83 -37.15
N ALA A 146 1.76 22.10 -36.47
CA ALA A 146 1.29 21.00 -35.60
C ALA A 146 0.41 21.55 -34.48
N TRP A 147 0.84 22.64 -33.85
CA TRP A 147 0.09 23.20 -32.71
C TRP A 147 -1.28 23.69 -33.16
N GLU A 148 -1.31 24.52 -34.19
CA GLU A 148 -2.60 25.11 -34.64
C GLU A 148 -3.51 24.02 -35.21
N GLY A 149 -2.92 23.05 -35.91
CA GLY A 149 -3.75 21.96 -36.45
C GLY A 149 -4.36 21.10 -35.35
N TRP A 150 -3.56 20.75 -34.34
CA TRP A 150 -4.13 19.98 -33.22
C TRP A 150 -5.27 20.77 -32.57
N ARG A 151 -5.04 22.05 -32.33
CA ARG A 151 -6.13 22.87 -31.75
C ARG A 151 -7.35 22.85 -32.67
N ALA A 152 -7.17 23.12 -33.96
CA ALA A 152 -8.33 23.24 -34.87
C ALA A 152 -9.13 21.93 -34.96
N GLU A 153 -8.44 20.80 -35.09
CA GLU A 153 -9.22 19.54 -35.29
C GLU A 153 -9.73 19.01 -33.94
N VAL A 154 -9.02 19.26 -32.84
CA VAL A 154 -9.43 18.60 -31.57
C VAL A 154 -10.27 19.54 -30.70
N GLY A 155 -9.73 20.72 -30.38
CA GLY A 155 -10.44 21.68 -29.53
C GLY A 155 -11.79 22.04 -30.10
N LYS A 156 -11.85 22.37 -31.39
CA LYS A 156 -13.12 22.82 -32.01
C LYS A 156 -14.16 21.69 -31.92
N GLN A 157 -13.74 20.45 -32.13
CA GLN A 157 -14.67 19.29 -32.06
C GLN A 157 -15.12 19.07 -30.59
N LEU A 158 -14.23 19.33 -29.63
CA LEU A 158 -14.57 19.09 -28.20
C LEU A 158 -15.21 20.34 -27.60
N ARG A 159 -15.16 21.47 -28.32
CA ARG A 159 -15.70 22.75 -27.79
C ARG A 159 -17.19 22.57 -27.42
N PRO A 160 -18.10 22.13 -28.34
CA PRO A 160 -19.51 22.03 -27.99
C PRO A 160 -19.73 21.01 -26.89
N LEU A 161 -18.95 19.92 -26.91
CA LEU A 161 -19.10 18.85 -25.90
C LEU A 161 -18.61 19.35 -24.53
N TYR A 162 -17.43 19.98 -24.49
CA TYR A 162 -16.85 20.40 -23.19
C TYR A 162 -17.80 21.37 -22.49
N GLU A 163 -18.42 22.27 -23.26
CA GLU A 163 -19.41 23.21 -22.67
C GLU A 163 -20.52 22.39 -21.99
N GLU A 164 -21.06 21.41 -22.71
CA GLU A 164 -22.14 20.55 -22.14
C GLU A 164 -21.55 19.74 -20.98
N TYR A 165 -20.31 19.27 -21.11
CA TYR A 165 -19.65 18.50 -20.04
C TYR A 165 -19.67 19.32 -18.74
N VAL A 166 -19.31 20.61 -18.82
CA VAL A 166 -19.26 21.47 -17.60
C VAL A 166 -20.66 21.53 -16.99
N VAL A 167 -21.68 21.78 -17.82
CA VAL A 167 -23.07 21.93 -17.29
C VAL A 167 -23.47 20.65 -16.54
N LEU A 168 -23.15 19.48 -17.09
CA LEU A 168 -23.57 18.19 -16.47
C LEU A 168 -22.70 17.91 -15.23
N LYS A 169 -21.38 18.13 -15.32
CA LYS A 169 -20.47 17.83 -14.20
C LYS A 169 -20.85 18.69 -12.98
N ASN A 170 -21.07 19.99 -13.22
CA ASN A 170 -21.41 20.91 -12.10
C ASN A 170 -22.71 20.42 -11.46
N GLU A 171 -23.68 19.97 -12.27
CA GLU A 171 -24.98 19.51 -11.75
C GLU A 171 -24.78 18.28 -10.84
N MET A 172 -23.95 17.33 -11.27
CA MET A 172 -23.66 16.13 -10.44
C MET A 172 -23.04 16.57 -9.11
N ALA A 173 -22.09 17.52 -9.17
CA ALA A 173 -21.40 17.98 -7.95
C ALA A 173 -22.41 18.65 -7.00
N ARG A 174 -23.32 19.46 -7.55
CA ARG A 174 -24.34 20.13 -6.73
C ARG A 174 -25.20 19.06 -6.03
N GLY A 175 -25.50 17.98 -6.74
CA GLY A 175 -26.29 16.88 -6.15
C GLY A 175 -25.53 16.22 -5.02
N TYR A 176 -24.20 16.37 -5.00
CA TYR A 176 -23.36 15.80 -3.91
C TYR A 176 -23.21 16.85 -2.82
N HIS A 177 -24.00 17.92 -2.87
CA HIS A 177 -23.97 19.00 -1.84
C HIS A 177 -22.62 19.74 -1.91
N TYR A 178 -22.19 20.10 -3.13
CA TYR A 178 -20.94 20.91 -3.29
C TYR A 178 -21.29 22.16 -4.10
N GLU A 179 -20.39 23.14 -4.12
CA GLU A 179 -20.67 24.41 -4.85
C GLU A 179 -20.60 24.17 -6.37
N ASP A 180 -19.56 23.48 -6.82
CA ASP A 180 -19.41 23.23 -8.28
C ASP A 180 -18.52 22.01 -8.46
N TYR A 181 -18.19 21.71 -9.71
CA TYR A 181 -17.34 20.54 -10.00
C TYR A 181 -15.92 20.75 -9.45
N GLY A 182 -15.39 21.95 -9.58
CA GLY A 182 -14.06 22.23 -9.00
C GLY A 182 -14.07 22.07 -7.50
N ASP A 183 -15.14 22.53 -6.85
CA ASP A 183 -15.26 22.33 -5.39
C ASP A 183 -15.33 20.84 -5.06
N TYR A 184 -16.01 20.07 -5.88
CA TYR A 184 -16.08 18.60 -5.65
C TYR A 184 -14.70 17.98 -5.80
N TRP A 185 -13.89 18.50 -6.73
CA TRP A 185 -12.54 17.93 -6.92
C TRP A 185 -11.65 18.25 -5.72
N ARG A 186 -11.85 19.41 -5.10
CA ARG A 186 -10.95 19.83 -4.00
C ARG A 186 -11.30 19.13 -2.68
N ARG A 187 -12.30 18.26 -2.68
CA ARG A 187 -12.74 17.63 -1.40
C ARG A 187 -11.67 16.68 -0.85
N ASP A 188 -10.65 16.37 -1.65
CA ASP A 188 -9.62 15.40 -1.19
C ASP A 188 -8.85 15.98 -0.01
N TYR A 189 -8.53 17.27 -0.06
CA TYR A 189 -7.66 17.87 0.98
C TYR A 189 -8.46 18.34 2.20
N GLU A 190 -9.77 18.19 2.16
CA GLU A 190 -10.61 18.66 3.29
C GLU A 190 -10.46 17.66 4.44
N THR A 191 -10.08 18.17 5.63
CA THR A 191 -9.92 17.29 6.81
C THR A 191 -10.69 17.87 7.98
N GLU A 192 -10.97 17.01 8.97
CA GLU A 192 -11.69 17.45 10.19
C GLU A 192 -10.79 17.14 11.40
N GLU A 193 -9.92 18.08 11.75
CA GLU A 193 -9.07 17.87 12.94
C GLU A 193 -9.91 18.04 14.21
N SER A 194 -9.63 17.20 15.21
CA SER A 194 -10.40 17.25 16.48
C SER A 194 -9.86 18.35 17.41
N SER A 195 -8.67 18.87 17.11
CA SER A 195 -8.05 19.89 17.99
C SER A 195 -8.49 21.31 17.60
N GLY A 196 -9.26 21.44 16.52
CA GLY A 196 -9.78 22.78 16.15
C GLY A 196 -10.15 22.84 14.68
N PRO A 197 -10.18 24.04 14.06
CA PRO A 197 -10.45 24.10 12.63
C PRO A 197 -9.41 23.35 11.84
N GLY A 198 -9.86 22.65 10.79
CA GLY A 198 -8.93 21.82 10.00
C GLY A 198 -8.61 22.46 8.67
N TYR A 199 -8.62 21.64 7.61
CA TYR A 199 -8.28 22.15 6.26
C TYR A 199 -9.54 22.20 5.41
N SER A 200 -9.67 23.28 4.64
CA SER A 200 -10.85 23.45 3.76
C SER A 200 -10.38 23.60 2.31
N ARG A 201 -11.32 23.46 1.37
CA ARG A 201 -10.99 23.57 -0.07
C ARG A 201 -10.61 25.02 -0.39
N ASP A 202 -11.30 25.99 0.20
CA ASP A 202 -10.89 27.40 0.02
C ASP A 202 -9.48 27.59 0.58
N GLN A 203 -9.16 26.88 1.66
CA GLN A 203 -7.78 26.94 2.19
C GLN A 203 -6.81 26.33 1.16
N LEU A 204 -7.24 25.29 0.44
CA LEU A 204 -6.38 24.73 -0.61
C LEU A 204 -6.11 25.78 -1.70
N MET A 205 -7.15 26.50 -2.10
CA MET A 205 -6.95 27.56 -3.12
C MET A 205 -6.01 28.65 -2.57
N LYS A 206 -6.22 29.07 -1.32
CA LYS A 206 -5.35 30.12 -0.75
C LYS A 206 -3.91 29.61 -0.71
N ASP A 207 -3.71 28.36 -0.32
CA ASP A 207 -2.34 27.81 -0.23
C ASP A 207 -1.70 27.75 -1.62
N VAL A 208 -2.46 27.34 -2.63
CA VAL A 208 -1.82 27.18 -3.97
C VAL A 208 -1.47 28.57 -4.54
N ASP A 209 -2.33 29.57 -4.34
CA ASP A 209 -1.95 30.93 -4.78
C ASP A 209 -0.72 31.44 -4.01
N ARG A 210 -0.69 31.23 -2.69
CA ARG A 210 0.45 31.75 -1.91
C ARG A 210 1.74 31.02 -2.34
N ILE A 211 1.65 29.72 -2.54
CA ILE A 211 2.85 28.95 -2.97
C ILE A 211 3.29 29.42 -4.36
N PHE A 212 2.34 29.73 -5.23
CA PHE A 212 2.76 30.25 -6.56
C PHE A 212 3.46 31.60 -6.42
N THR A 213 2.93 32.47 -5.56
CA THR A 213 3.62 33.77 -5.35
C THR A 213 5.03 33.53 -4.84
N GLU A 214 5.23 32.50 -4.02
CA GLU A 214 6.58 32.22 -3.50
C GLU A 214 7.48 31.60 -4.59
N ILE A 215 6.93 30.82 -5.50
CA ILE A 215 7.78 30.21 -6.55
C ILE A 215 8.05 31.22 -7.67
N LYS A 216 7.23 32.27 -7.78
CA LYS A 216 7.33 33.19 -8.94
C LYS A 216 8.75 33.72 -9.17
N PRO A 217 9.51 34.21 -8.16
CA PRO A 217 10.87 34.67 -8.45
C PRO A 217 11.77 33.65 -9.14
N LEU A 218 11.83 32.44 -8.58
CA LEU A 218 12.64 31.37 -9.22
C LEU A 218 12.07 31.06 -10.61
N TYR A 219 10.76 30.97 -10.71
CA TYR A 219 10.15 30.71 -12.04
C TYR A 219 10.39 31.87 -12.98
N GLU A 220 10.37 33.09 -12.47
CA GLU A 220 10.60 34.27 -13.32
C GLU A 220 12.03 34.21 -13.89
N HIS A 221 13.00 33.87 -13.05
CA HIS A 221 14.40 33.81 -13.54
C HIS A 221 14.57 32.64 -14.53
N LEU A 222 13.95 31.50 -14.24
CA LEU A 222 14.03 30.36 -15.19
C LEU A 222 13.35 30.74 -16.51
N HIS A 223 12.23 31.45 -16.43
CA HIS A 223 11.53 31.90 -17.66
C HIS A 223 12.41 32.84 -18.46
N ALA A 224 13.11 33.75 -17.78
CA ALA A 224 14.01 34.69 -18.48
C ALA A 224 15.16 33.93 -19.16
N TYR A 225 15.74 32.98 -18.45
CA TYR A 225 16.86 32.21 -19.01
C TYR A 225 16.39 31.41 -20.23
N VAL A 226 15.22 30.78 -20.10
CA VAL A 226 14.68 29.99 -21.24
C VAL A 226 14.33 30.93 -22.40
N ARG A 227 13.84 32.13 -22.10
CA ARG A 227 13.51 33.10 -23.16
C ARG A 227 14.78 33.50 -23.93
N ALA A 228 15.87 33.73 -23.20
CA ALA A 228 17.13 34.10 -23.88
C ALA A 228 17.62 32.94 -24.74
N LYS A 229 17.55 31.72 -24.20
CA LYS A 229 18.00 30.55 -24.99
C LYS A 229 17.11 30.38 -26.23
N LEU A 230 15.80 30.62 -26.10
CA LEU A 230 14.90 30.51 -27.28
C LEU A 230 15.18 31.63 -28.29
N MET A 231 15.54 32.82 -27.81
CA MET A 231 15.95 33.89 -28.75
C MET A 231 17.18 33.40 -29.53
N ASP A 232 18.09 32.72 -28.86
CA ASP A 232 19.24 32.13 -29.59
C ASP A 232 18.73 31.09 -30.58
N THR A 233 17.75 30.29 -30.18
CA THR A 233 17.24 29.22 -31.07
C THR A 233 16.35 29.79 -32.16
N TYR A 234 15.34 30.59 -31.79
CA TYR A 234 14.38 31.12 -32.78
C TYR A 234 14.50 32.64 -32.80
N PRO A 235 15.31 33.21 -33.70
CA PRO A 235 15.35 34.65 -33.84
C PRO A 235 14.09 35.21 -34.47
N LEU A 236 13.99 36.53 -34.54
CA LEU A 236 12.85 37.23 -35.22
C LEU A 236 11.48 36.68 -34.82
N HIS A 237 11.39 35.94 -33.72
CA HIS A 237 10.05 35.47 -33.27
C HIS A 237 9.85 35.62 -31.75
N ILE A 238 10.89 36.01 -31.01
CA ILE A 238 10.75 36.09 -29.53
C ILE A 238 11.05 37.53 -29.10
N SER A 239 10.19 38.09 -28.25
CA SER A 239 10.38 39.47 -27.74
C SER A 239 11.22 39.42 -26.46
N PRO A 240 12.30 40.20 -26.34
CA PRO A 240 13.12 40.15 -25.14
C PRO A 240 12.36 40.48 -23.86
N THR A 241 11.31 41.29 -23.95
CA THR A 241 10.52 41.66 -22.75
C THR A 241 9.09 41.21 -22.92
N GLY A 242 8.89 39.98 -23.39
CA GLY A 242 7.52 39.51 -23.63
C GLY A 242 7.36 38.05 -23.29
N CYS A 243 6.18 37.51 -23.58
CA CYS A 243 5.89 36.10 -23.25
C CYS A 243 6.51 35.16 -24.29
N LEU A 244 6.53 33.87 -23.96
CA LEU A 244 7.09 32.85 -24.87
C LEU A 244 5.93 32.22 -25.67
N PRO A 245 6.04 32.10 -27.01
CA PRO A 245 4.99 31.47 -27.78
C PRO A 245 4.70 30.05 -27.32
N ALA A 246 3.42 29.67 -27.35
CA ALA A 246 3.02 28.37 -26.78
C ALA A 246 3.58 27.18 -27.56
N HIS A 247 3.79 27.37 -28.86
CA HIS A 247 4.21 26.20 -29.69
C HIS A 247 5.72 25.96 -29.64
N LEU A 248 6.47 26.77 -28.87
CA LEU A 248 7.94 26.60 -28.85
C LEU A 248 8.37 26.07 -27.47
N LEU A 249 7.49 25.35 -26.79
CA LEU A 249 7.81 24.90 -25.41
C LEU A 249 8.17 23.41 -25.36
N GLY A 250 8.57 22.82 -26.48
CA GLY A 250 9.01 21.41 -26.47
C GLY A 250 7.88 20.42 -26.26
N ASP A 251 6.63 20.84 -26.40
CA ASP A 251 5.49 19.94 -26.12
C ASP A 251 4.26 20.46 -26.83
N MET A 252 3.26 19.62 -26.99
CA MET A 252 1.97 20.07 -27.55
C MET A 252 1.38 21.18 -26.68
N TRP A 253 1.47 21.04 -25.36
CA TRP A 253 0.84 22.02 -24.45
C TRP A 253 1.89 22.75 -23.60
N GLY A 254 3.14 22.32 -23.67
CA GLY A 254 4.18 22.95 -22.83
C GLY A 254 3.99 22.66 -21.35
N ARG A 255 3.52 21.46 -21.01
CA ARG A 255 3.41 21.11 -19.58
C ARG A 255 4.82 20.96 -18.99
N PHE A 256 5.71 20.28 -19.72
CA PHE A 256 7.10 20.11 -19.24
C PHE A 256 8.05 20.74 -20.22
N TRP A 257 9.08 21.42 -19.69
CA TRP A 257 10.11 22.04 -20.56
C TRP A 257 11.31 21.13 -20.68
N THR A 258 11.13 19.83 -20.45
CA THR A 258 12.27 18.89 -20.49
C THR A 258 12.89 18.85 -21.86
N ASN A 259 12.06 18.86 -22.91
CA ASN A 259 12.59 18.72 -24.29
C ASN A 259 13.43 19.93 -24.70
N LEU A 260 13.36 21.02 -23.94
CA LEU A 260 14.16 22.22 -24.28
C LEU A 260 15.56 22.15 -23.67
N TYR A 261 15.88 21.07 -22.95
CA TYR A 261 17.22 20.95 -22.32
C TYR A 261 18.34 21.02 -23.36
N PRO A 262 18.28 20.35 -24.53
CA PRO A 262 19.35 20.50 -25.51
C PRO A 262 19.64 21.96 -25.90
N LEU A 263 18.60 22.78 -25.94
CA LEU A 263 18.79 24.21 -26.30
C LEU A 263 19.19 25.04 -25.08
N THR A 264 18.66 24.68 -23.90
CA THR A 264 18.89 25.52 -22.69
C THR A 264 19.98 24.96 -21.81
N VAL A 265 20.75 23.98 -22.28
CA VAL A 265 21.76 23.31 -21.41
C VAL A 265 22.76 24.36 -20.90
N PRO A 266 23.05 24.41 -19.59
CA PRO A 266 23.99 25.40 -19.09
C PRO A 266 25.42 25.18 -19.60
N PHE A 267 25.91 23.94 -19.49
CA PHE A 267 27.29 23.62 -19.92
C PHE A 267 27.21 22.39 -20.80
N GLY A 268 27.28 22.57 -22.11
CA GLY A 268 27.14 21.44 -23.03
C GLY A 268 28.33 20.49 -22.96
N GLN A 269 29.49 21.00 -22.60
CA GLN A 269 30.71 20.15 -22.58
C GLN A 269 30.56 19.06 -21.51
N LYS A 270 29.98 19.42 -20.37
CA LYS A 270 29.85 18.41 -19.28
C LYS A 270 28.67 17.49 -19.61
N PRO A 271 28.87 16.16 -19.64
CA PRO A 271 27.79 15.26 -20.04
C PRO A 271 26.80 14.97 -18.92
N ASN A 272 25.86 14.07 -19.19
CA ASN A 272 24.87 13.68 -18.18
C ASN A 272 25.45 12.57 -17.29
N ILE A 273 24.60 11.88 -16.53
CA ILE A 273 25.11 10.86 -15.58
C ILE A 273 24.63 9.48 -16.02
N ASP A 274 24.29 9.33 -17.30
CA ASP A 274 23.70 8.06 -17.79
C ASP A 274 24.61 6.86 -17.48
N VAL A 275 24.01 5.79 -16.96
CA VAL A 275 24.79 4.55 -16.63
C VAL A 275 24.19 3.36 -17.39
N THR A 276 23.50 3.59 -18.50
CA THR A 276 22.91 2.49 -19.27
C THR A 276 24.01 1.58 -19.81
N ASP A 277 25.08 2.18 -20.32
CA ASP A 277 26.19 1.37 -20.89
C ASP A 277 26.84 0.53 -19.79
N GLU A 278 27.01 1.10 -18.61
CA GLU A 278 27.62 0.33 -17.50
C GLU A 278 26.64 -0.76 -17.01
N MET A 279 25.34 -0.48 -17.05
CA MET A 279 24.35 -1.51 -16.67
C MET A 279 24.41 -2.67 -17.68
N VAL A 280 24.50 -2.36 -18.96
CA VAL A 280 24.54 -3.43 -19.99
C VAL A 280 25.87 -4.19 -19.88
N LYS A 281 26.96 -3.48 -19.63
CA LYS A 281 28.29 -4.14 -19.60
C LYS A 281 28.33 -5.19 -18.49
N GLN A 282 27.75 -4.89 -17.32
CA GLN A 282 27.83 -5.84 -16.18
C GLN A 282 26.76 -6.91 -16.27
N GLY A 283 26.06 -7.02 -17.41
CA GLY A 283 25.07 -8.10 -17.56
C GLY A 283 23.85 -7.90 -16.67
N TRP A 284 23.44 -6.65 -16.47
CA TRP A 284 22.23 -6.41 -15.67
C TRP A 284 20.98 -6.81 -16.44
N ASP A 285 19.95 -7.22 -15.71
CA ASP A 285 18.64 -7.51 -16.33
C ASP A 285 17.56 -6.99 -15.39
N ALA A 286 16.30 -7.27 -15.72
CA ALA A 286 15.19 -6.76 -14.88
C ALA A 286 15.27 -7.33 -13.46
N ASN A 287 15.64 -8.60 -13.35
CA ASN A 287 15.74 -9.24 -12.02
C ASN A 287 16.74 -8.49 -11.15
N ARG A 288 17.91 -8.18 -11.70
CA ARG A 288 18.93 -7.47 -10.90
C ARG A 288 18.45 -6.05 -10.59
N ILE A 289 17.76 -5.41 -11.53
CA ILE A 289 17.24 -4.05 -11.27
C ILE A 289 16.30 -4.08 -10.05
N PHE A 290 15.35 -5.00 -10.06
CA PHE A 290 14.38 -5.02 -8.94
C PHE A 290 15.04 -5.52 -7.66
N LYS A 291 16.04 -6.38 -7.78
CA LYS A 291 16.76 -6.84 -6.56
C LYS A 291 17.57 -5.70 -5.95
N GLU A 292 18.19 -4.87 -6.78
CA GLU A 292 18.92 -3.71 -6.23
C GLU A 292 17.94 -2.70 -5.64
N ALA A 293 16.77 -2.56 -6.25
CA ALA A 293 15.74 -1.67 -5.64
C ALA A 293 15.35 -2.22 -4.28
N GLU A 294 15.19 -3.54 -4.18
CA GLU A 294 14.83 -4.17 -2.88
C GLU A 294 15.96 -3.95 -1.87
N LYS A 295 17.21 -4.04 -2.33
CA LYS A 295 18.35 -3.77 -1.42
C LYS A 295 18.29 -2.32 -0.92
N PHE A 296 17.95 -1.39 -1.80
CA PHE A 296 17.86 0.02 -1.35
C PHE A 296 16.75 0.17 -0.32
N PHE A 297 15.59 -0.44 -0.57
CA PHE A 297 14.46 -0.26 0.38
C PHE A 297 14.71 -1.00 1.68
N VAL A 298 15.49 -2.08 1.63
CA VAL A 298 15.69 -2.88 2.88
C VAL A 298 16.78 -2.21 3.73
N SER A 299 17.58 -1.33 3.12
CA SER A 299 18.65 -0.64 3.88
C SER A 299 18.03 0.33 4.90
N VAL A 300 16.92 0.98 4.52
CA VAL A 300 16.32 1.98 5.44
C VAL A 300 15.41 1.25 6.45
N GLY A 301 15.19 -0.05 6.27
CA GLY A 301 14.37 -0.81 7.24
C GLY A 301 12.99 -1.18 6.72
N LEU A 302 12.70 -0.90 5.45
CA LEU A 302 11.39 -1.31 4.89
C LEU A 302 11.40 -2.82 4.61
N PRO A 303 10.24 -3.49 4.68
CA PRO A 303 10.20 -4.93 4.50
C PRO A 303 10.58 -5.39 3.11
N ASN A 304 11.05 -6.64 3.02
CA ASN A 304 11.44 -7.22 1.72
C ASN A 304 10.21 -7.45 0.84
N MET A 305 10.43 -7.55 -0.46
CA MET A 305 9.30 -7.88 -1.37
C MET A 305 8.85 -9.32 -1.12
N THR A 306 7.53 -9.53 -1.22
CA THR A 306 6.99 -10.88 -0.98
C THR A 306 7.35 -11.82 -2.11
N GLU A 307 7.35 -13.12 -1.82
CA GLU A 307 7.67 -14.13 -2.86
C GLU A 307 6.60 -14.10 -3.95
N GLY A 308 5.35 -13.82 -3.58
CA GLY A 308 4.30 -13.70 -4.61
C GLY A 308 4.59 -12.56 -5.56
N PHE A 309 5.23 -11.50 -5.06
CA PHE A 309 5.61 -10.38 -5.96
C PHE A 309 6.58 -10.88 -7.03
N TRP A 310 7.55 -11.68 -6.64
CA TRP A 310 8.53 -12.19 -7.62
C TRP A 310 7.93 -13.28 -8.51
N ASN A 311 6.89 -13.97 -8.05
CA ASN A 311 6.35 -15.11 -8.81
C ASN A 311 5.14 -14.71 -9.67
N ASN A 312 4.54 -13.54 -9.43
CA ASN A 312 3.30 -13.18 -10.15
C ASN A 312 3.44 -11.89 -10.96
N SER A 313 4.60 -11.23 -10.90
CA SER A 313 4.73 -9.90 -11.54
C SER A 313 5.27 -10.02 -12.97
N MET A 314 4.88 -9.08 -13.82
CA MET A 314 5.38 -9.04 -15.20
C MET A 314 6.51 -8.00 -15.24
N LEU A 315 7.73 -8.46 -14.96
CA LEU A 315 8.88 -7.53 -14.92
C LEU A 315 9.51 -7.40 -16.32
N THR A 316 9.01 -8.14 -17.31
CA THR A 316 9.52 -8.02 -18.69
C THR A 316 8.38 -8.18 -19.67
N GLU A 317 8.60 -7.78 -20.91
CA GLU A 317 7.56 -7.96 -21.95
C GLU A 317 7.52 -9.44 -22.33
N PRO A 318 6.36 -10.12 -22.24
CA PRO A 318 6.30 -11.53 -22.62
C PRO A 318 6.65 -11.74 -24.09
N GLY A 319 7.35 -12.84 -24.37
CA GLY A 319 7.72 -13.15 -25.77
C GLY A 319 6.98 -14.36 -26.32
N ASP A 320 5.98 -14.86 -25.62
CA ASP A 320 5.30 -16.10 -26.09
C ASP A 320 4.24 -15.77 -27.15
N GLY A 321 3.91 -14.48 -27.31
CA GLY A 321 2.87 -14.11 -28.27
C GLY A 321 1.72 -13.43 -27.57
N ARG A 322 2.00 -12.79 -26.43
CA ARG A 322 0.93 -12.18 -25.62
C ARG A 322 1.08 -10.65 -25.69
N LYS A 323 0.03 -9.97 -26.13
CA LYS A 323 0.09 -8.48 -26.21
C LYS A 323 -0.14 -7.89 -24.81
N VAL A 324 0.65 -6.88 -24.47
CA VAL A 324 0.56 -6.31 -23.10
C VAL A 324 0.51 -4.79 -23.16
N VAL A 325 0.09 -4.18 -22.05
CA VAL A 325 0.14 -2.69 -21.94
C VAL A 325 1.54 -2.36 -21.42
N CYS A 326 2.29 -1.57 -22.17
CA CYS A 326 3.72 -1.39 -21.82
C CYS A 326 3.94 -0.27 -20.80
N HIS A 327 2.88 0.43 -20.40
CA HIS A 327 3.04 1.56 -19.44
C HIS A 327 3.36 1.01 -18.05
N PRO A 328 4.42 1.51 -17.38
CA PRO A 328 4.75 1.04 -16.04
C PRO A 328 3.64 1.30 -15.05
N THR A 329 3.37 0.31 -14.19
CA THR A 329 2.31 0.47 -13.18
C THR A 329 2.59 -0.44 -12.00
N ALA A 330 2.56 0.12 -10.78
CA ALA A 330 2.67 -0.72 -9.56
C ALA A 330 1.27 -1.14 -9.16
N TRP A 331 1.09 -2.43 -8.91
CA TRP A 331 -0.28 -2.96 -8.66
C TRP A 331 -0.49 -3.35 -7.21
N ASP A 332 -1.68 -3.06 -6.69
CA ASP A 332 -2.07 -3.51 -5.33
C ASP A 332 -3.39 -4.24 -5.54
N LEU A 333 -3.33 -5.53 -5.83
CA LEU A 333 -4.55 -6.27 -6.20
C LEU A 333 -5.42 -6.55 -4.98
N GLY A 334 -4.80 -6.62 -3.80
CA GLY A 334 -5.58 -6.97 -2.59
C GLY A 334 -5.17 -8.33 -2.06
N LYS A 335 -5.59 -8.64 -0.84
CA LYS A 335 -5.25 -9.93 -0.20
C LYS A 335 -3.72 -10.10 -0.15
N GLY A 336 -3.02 -8.98 0.02
CA GLY A 336 -1.55 -9.06 0.14
C GLY A 336 -0.85 -9.30 -1.19
N ASP A 337 -1.58 -9.18 -2.30
CA ASP A 337 -0.97 -9.42 -3.63
C ASP A 337 -0.45 -8.09 -4.18
N PHE A 338 0.88 -7.95 -4.21
CA PHE A 338 1.49 -6.72 -4.78
C PHE A 338 2.35 -7.12 -5.95
N ARG A 339 2.08 -6.53 -7.11
CA ARG A 339 2.84 -6.86 -8.33
C ARG A 339 3.21 -5.58 -9.07
N ILE A 340 4.11 -5.72 -10.04
CA ILE A 340 4.48 -4.57 -10.91
C ILE A 340 4.36 -5.07 -12.35
N LYS A 341 3.63 -4.31 -13.17
CA LYS A 341 3.53 -4.65 -14.62
C LYS A 341 4.32 -3.59 -15.37
N MET A 342 5.52 -3.95 -15.80
CA MET A 342 6.41 -2.92 -16.41
C MET A 342 7.31 -3.57 -17.46
N CYS A 343 7.53 -2.86 -18.56
CA CYS A 343 8.44 -3.36 -19.62
C CYS A 343 9.88 -2.98 -19.24
N THR A 344 10.41 -3.64 -18.22
CA THR A 344 11.74 -3.25 -17.74
C THR A 344 12.79 -3.50 -18.80
N LYS A 345 13.64 -2.50 -19.02
CA LYS A 345 14.77 -2.64 -19.95
C LYS A 345 16.03 -2.19 -19.20
N VAL A 346 17.19 -2.48 -19.78
CA VAL A 346 18.45 -2.15 -19.07
C VAL A 346 18.82 -0.69 -19.35
N THR A 347 18.19 0.23 -18.62
CA THR A 347 18.47 1.67 -18.77
C THR A 347 18.38 2.35 -17.42
N MET A 348 18.97 3.53 -17.31
CA MET A 348 18.84 4.30 -16.04
C MET A 348 17.37 4.72 -15.84
N GLU A 349 16.68 5.08 -16.92
CA GLU A 349 15.27 5.53 -16.80
C GLU A 349 14.44 4.39 -16.20
N ASP A 350 14.64 3.17 -16.71
CA ASP A 350 13.88 2.03 -16.16
C ASP A 350 14.33 1.71 -14.74
N PHE A 351 15.59 1.98 -14.41
CA PHE A 351 16.05 1.77 -13.02
C PHE A 351 15.29 2.69 -12.07
N LEU A 352 15.24 3.97 -12.41
CA LEU A 352 14.52 4.94 -11.53
C LEU A 352 13.02 4.65 -11.55
N THR A 353 12.48 4.20 -12.69
CA THR A 353 11.06 3.84 -12.74
C THR A 353 10.80 2.65 -11.84
N ALA A 354 11.72 1.69 -11.82
CA ALA A 354 11.56 0.53 -10.92
C ALA A 354 11.57 0.99 -9.46
N HIS A 355 12.48 1.91 -9.12
CA HIS A 355 12.49 2.44 -7.74
C HIS A 355 11.18 3.18 -7.42
N HIS A 356 10.68 3.96 -8.38
CA HIS A 356 9.43 4.72 -8.15
C HIS A 356 8.25 3.77 -7.95
N GLU A 357 8.12 2.79 -8.85
CA GLU A 357 7.00 1.84 -8.75
C GLU A 357 7.14 1.00 -7.46
N MET A 358 8.36 0.62 -7.12
CA MET A 358 8.59 -0.17 -5.87
C MET A 358 8.30 0.76 -4.68
N GLY A 359 8.44 2.07 -4.87
CA GLY A 359 8.05 3.01 -3.79
C GLY A 359 6.55 2.93 -3.62
N HIS A 360 5.82 2.66 -4.69
CA HIS A 360 4.34 2.51 -4.56
C HIS A 360 4.04 1.21 -3.81
N ILE A 361 4.73 0.13 -4.08
CA ILE A 361 4.43 -1.15 -3.44
C ILE A 361 4.84 -1.06 -1.95
N GLN A 362 5.82 -0.26 -1.57
CA GLN A 362 6.28 -0.11 -0.18
C GLN A 362 5.28 0.70 0.66
N TYR A 363 4.41 1.48 0.10
CA TYR A 363 3.45 2.33 0.82
C TYR A 363 2.25 1.52 0.94
N ASP A 364 2.13 0.51 0.13
CA ASP A 364 0.92 -0.29 0.05
C ASP A 364 1.11 -1.47 0.94
N MET A 365 2.35 -1.83 1.22
CA MET A 365 2.65 -2.98 2.06
C MET A 365 2.59 -2.49 3.49
N ALA A 366 2.28 -1.24 3.76
CA ALA A 366 2.18 -0.68 5.10
C ALA A 366 0.75 -0.38 5.45
N TYR A 367 0.09 0.37 4.62
CA TYR A 367 -1.34 0.65 4.84
C TYR A 367 -2.10 -0.61 4.63
N ALA A 368 -1.45 -1.73 4.40
CA ALA A 368 -2.30 -2.92 4.13
C ALA A 368 -3.07 -3.26 5.40
N SER A 369 -2.44 -3.10 6.56
CA SER A 369 -3.10 -3.39 7.86
C SER A 369 -4.36 -2.53 8.02
N GLN A 370 -4.36 -1.33 7.43
CA GLN A 370 -5.52 -0.42 7.57
C GLN A 370 -6.76 -1.04 6.92
N PRO A 371 -7.98 -0.59 7.28
CA PRO A 371 -9.16 -1.06 6.60
C PRO A 371 -9.10 -0.78 5.10
N TYR A 372 -9.97 -1.43 4.33
CA TYR A 372 -9.89 -1.31 2.87
C TYR A 372 -10.12 0.13 2.43
N LEU A 373 -11.11 0.80 3.02
CA LEU A 373 -11.43 2.19 2.57
C LEU A 373 -10.25 3.12 2.86
N LEU A 374 -9.54 2.91 3.96
CA LEU A 374 -8.42 3.81 4.33
C LEU A 374 -7.10 3.33 3.73
N ARG A 375 -7.17 2.32 2.88
CA ARG A 375 -5.96 1.84 2.18
C ARG A 375 -5.70 2.79 1.00
N ASN A 376 -5.23 4.00 1.28
CA ASN A 376 -4.90 4.97 0.20
C ASN A 376 -3.94 6.01 0.77
N GLY A 377 -3.20 6.72 -0.11
CA GLY A 377 -2.30 7.79 0.35
C GLY A 377 -3.08 8.88 1.05
N ALA A 378 -2.48 9.54 2.04
CA ALA A 378 -3.20 10.57 2.82
C ALA A 378 -4.00 11.46 1.86
N ASN A 379 -3.36 11.91 0.77
CA ASN A 379 -4.07 12.72 -0.25
C ASN A 379 -3.57 12.31 -1.63
N GLU A 380 -4.12 12.90 -2.69
CA GLU A 380 -3.73 12.52 -4.09
C GLU A 380 -2.22 12.66 -4.26
N GLY A 381 -1.59 13.62 -3.57
CA GLY A 381 -0.15 13.86 -3.78
C GLY A 381 0.74 12.98 -2.93
N PHE A 382 0.39 12.73 -1.67
CA PHE A 382 1.32 11.98 -0.77
C PHE A 382 1.90 10.75 -1.47
N HIS A 383 1.08 9.93 -2.13
CA HIS A 383 1.57 8.66 -2.73
C HIS A 383 2.68 8.94 -3.74
N GLU A 384 2.33 9.58 -4.85
CA GLU A 384 3.31 9.91 -5.92
C GLU A 384 4.53 10.58 -5.29
N ALA A 385 4.31 11.46 -4.30
CA ALA A 385 5.42 12.16 -3.63
C ALA A 385 6.39 11.13 -3.05
N VAL A 386 5.85 10.10 -2.40
CA VAL A 386 6.69 9.03 -1.79
C VAL A 386 7.57 8.41 -2.89
N GLY A 387 6.96 8.04 -4.03
CA GLY A 387 7.72 7.43 -5.14
C GLY A 387 8.80 8.37 -5.63
N GLU A 388 8.49 9.66 -5.77
CA GLU A 388 9.47 10.64 -6.30
C GLU A 388 10.64 10.80 -5.31
N VAL A 389 10.33 10.86 -4.01
CA VAL A 389 11.41 10.99 -2.97
C VAL A 389 12.36 9.80 -3.13
N MET A 390 11.80 8.59 -3.26
CA MET A 390 12.66 7.39 -3.47
C MET A 390 13.54 7.64 -4.69
N SER A 391 12.94 8.06 -5.81
CA SER A 391 13.72 8.25 -7.06
C SER A 391 14.82 9.29 -6.82
N LEU A 392 14.51 10.36 -6.10
CA LEU A 392 15.53 11.41 -5.81
C LEU A 392 16.66 10.82 -4.99
N SER A 393 16.32 10.01 -3.98
CA SER A 393 17.37 9.44 -3.10
C SER A 393 18.26 8.51 -3.92
N VAL A 394 17.69 7.71 -4.80
CA VAL A 394 18.51 6.68 -5.51
C VAL A 394 19.28 7.28 -6.70
N ALA A 395 18.87 8.45 -7.20
CA ALA A 395 19.50 8.99 -8.42
C ALA A 395 20.78 9.78 -8.12
N THR A 396 21.13 9.93 -6.85
CA THR A 396 22.32 10.74 -6.51
C THR A 396 23.57 10.07 -7.05
N PRO A 397 24.57 10.82 -7.54
CA PRO A 397 25.80 10.20 -8.02
C PRO A 397 26.52 9.34 -6.99
N LYS A 398 26.44 9.70 -5.71
CA LYS A 398 27.07 8.87 -4.66
C LYS A 398 26.43 7.48 -4.62
N HIS A 399 25.10 7.43 -4.68
CA HIS A 399 24.42 6.11 -4.59
C HIS A 399 24.80 5.24 -5.79
N LEU A 400 24.81 5.83 -6.98
CA LEU A 400 25.23 5.07 -8.18
C LEU A 400 26.71 4.68 -8.04
N LYS A 401 27.49 5.50 -7.35
CA LYS A 401 28.91 5.17 -7.14
C LYS A 401 29.04 3.92 -6.26
N THR A 402 28.19 3.77 -5.25
CA THR A 402 28.24 2.55 -4.42
C THR A 402 27.91 1.33 -5.26
N MET A 403 26.90 1.44 -6.12
CA MET A 403 26.40 0.25 -6.86
C MET A 403 27.40 -0.24 -7.91
N GLY A 404 28.43 0.55 -8.23
CA GLY A 404 29.35 0.14 -9.31
C GLY A 404 28.84 0.57 -10.67
N LEU A 405 27.66 1.18 -10.73
CA LEU A 405 27.11 1.68 -12.01
C LEU A 405 27.84 2.97 -12.41
N LEU A 406 28.34 3.72 -11.44
CA LEU A 406 29.08 4.97 -11.73
C LEU A 406 30.56 4.74 -11.41
N SER A 407 31.43 5.14 -12.32
CA SER A 407 32.87 4.96 -12.09
C SER A 407 33.31 5.80 -10.89
N PRO A 408 34.17 5.29 -10.00
CA PRO A 408 34.65 6.10 -8.88
C PRO A 408 35.39 7.36 -9.30
N ASP A 409 35.92 7.39 -10.53
CA ASP A 409 36.71 8.54 -11.00
C ASP A 409 35.82 9.76 -11.30
N PHE A 410 34.50 9.58 -11.30
CA PHE A 410 33.62 10.71 -11.65
C PHE A 410 33.72 11.79 -10.58
N ARG A 411 33.76 13.05 -11.00
CA ARG A 411 33.90 14.17 -10.04
C ARG A 411 32.67 15.07 -10.16
N GLU A 412 32.07 15.40 -9.01
CA GLU A 412 30.85 16.24 -9.01
C GLU A 412 31.26 17.70 -8.82
N ASP A 413 31.55 18.37 -9.92
CA ASP A 413 31.89 19.81 -9.83
C ASP A 413 30.62 20.67 -9.93
N ASP A 414 30.80 21.98 -9.86
CA ASP A 414 29.62 22.89 -9.83
C ASP A 414 28.83 22.80 -11.14
N GLU A 415 29.53 22.68 -12.27
CA GLU A 415 28.81 22.71 -13.57
C GLU A 415 27.84 21.53 -13.69
N THR A 416 28.24 20.35 -13.24
CA THR A 416 27.34 19.18 -13.29
C THR A 416 26.15 19.41 -12.39
N GLU A 417 26.37 20.00 -11.22
CA GLU A 417 25.23 20.30 -10.31
C GLU A 417 24.28 21.27 -10.99
N ILE A 418 24.82 22.28 -11.66
CA ILE A 418 23.96 23.29 -12.33
C ILE A 418 23.16 22.59 -13.45
N ASN A 419 23.81 21.73 -14.22
CA ASN A 419 23.09 21.02 -15.31
C ASN A 419 21.96 20.16 -14.73
N PHE A 420 22.27 19.39 -13.69
CA PHE A 420 21.25 18.49 -13.10
C PHE A 420 20.10 19.32 -12.53
N LEU A 421 20.44 20.41 -11.84
CA LEU A 421 19.38 21.25 -11.20
C LEU A 421 18.53 21.93 -12.27
N LEU A 422 19.14 22.36 -13.37
CA LEU A 422 18.35 23.00 -14.45
C LEU A 422 17.40 21.96 -15.08
N LYS A 423 17.89 20.74 -15.27
CA LYS A 423 17.01 19.69 -15.84
C LYS A 423 15.85 19.41 -14.85
N GLN A 424 16.17 19.33 -13.57
CA GLN A 424 15.11 19.08 -12.56
C GLN A 424 14.11 20.24 -12.55
N ALA A 425 14.60 21.47 -12.73
CA ALA A 425 13.68 22.63 -12.76
C ALA A 425 12.81 22.59 -14.00
N LEU A 426 13.41 22.27 -15.15
CA LEU A 426 12.62 22.17 -16.40
C LEU A 426 11.51 21.12 -16.26
N ASN A 427 11.80 20.02 -15.59
CA ASN A 427 10.78 18.97 -15.38
C ASN A 427 9.88 19.27 -14.18
N ILE A 428 10.28 20.19 -13.31
CA ILE A 428 9.52 20.41 -12.04
C ILE A 428 9.08 21.87 -11.93
N VAL A 429 10.03 22.79 -11.95
CA VAL A 429 9.66 24.23 -11.77
C VAL A 429 8.90 24.73 -13.00
N GLY A 430 9.28 24.28 -14.19
CA GLY A 430 8.61 24.75 -15.41
C GLY A 430 7.20 24.21 -15.54
N THR A 431 6.81 23.26 -14.68
CA THR A 431 5.46 22.68 -14.74
C THR A 431 4.52 23.32 -13.74
N LEU A 432 5.04 23.83 -12.63
CA LEU A 432 4.14 24.35 -11.56
C LEU A 432 3.26 25.50 -12.06
N PRO A 433 3.76 26.56 -12.74
CA PRO A 433 2.87 27.58 -13.24
C PRO A 433 1.80 27.03 -14.19
N PHE A 434 2.18 26.10 -15.06
CA PHE A 434 1.21 25.55 -16.03
C PHE A 434 0.10 24.80 -15.29
N THR A 435 0.48 23.94 -14.35
CA THR A 435 -0.52 23.16 -13.61
C THR A 435 -1.41 24.08 -12.80
N TYR A 436 -0.81 25.05 -12.12
CA TYR A 436 -1.60 25.97 -11.26
C TYR A 436 -2.56 26.78 -12.13
N MET A 437 -2.08 27.28 -13.26
CA MET A 437 -2.93 28.12 -14.13
C MET A 437 -4.06 27.28 -14.74
N LEU A 438 -3.75 26.05 -15.16
CA LEU A 438 -4.78 25.19 -15.78
C LEU A 438 -5.86 24.87 -14.73
N GLU A 439 -5.44 24.52 -13.52
CA GLU A 439 -6.43 24.17 -12.48
C GLU A 439 -7.23 25.42 -12.07
N LYS A 440 -6.58 26.58 -12.04
CA LYS A 440 -7.32 27.82 -11.71
C LYS A 440 -8.35 28.12 -12.81
N TRP A 441 -7.97 27.93 -14.06
CA TRP A 441 -8.93 28.17 -15.16
C TRP A 441 -10.11 27.20 -15.07
N ARG A 442 -9.82 25.92 -14.79
CA ARG A 442 -10.91 24.93 -14.66
C ARG A 442 -11.81 25.30 -13.47
N TRP A 443 -11.21 25.69 -12.36
CA TRP A 443 -12.01 26.07 -11.16
C TRP A 443 -12.89 27.28 -11.48
N MET A 444 -12.33 28.27 -12.16
CA MET A 444 -13.11 29.50 -12.45
C MET A 444 -14.21 29.18 -13.48
N VAL A 445 -13.93 28.29 -14.41
CA VAL A 445 -14.96 27.88 -15.40
C VAL A 445 -16.09 27.14 -14.67
N PHE A 446 -15.74 26.22 -13.78
CA PHE A 446 -16.78 25.43 -13.09
C PHE A 446 -17.61 26.35 -12.17
N LYS A 447 -16.94 27.27 -11.47
CA LYS A 447 -17.67 28.14 -10.53
C LYS A 447 -18.60 29.10 -11.30
N GLY A 448 -18.12 29.66 -12.41
CA GLY A 448 -18.94 30.60 -13.18
C GLY A 448 -18.31 31.98 -13.31
N GLU A 449 -17.06 32.16 -12.88
CA GLU A 449 -16.39 33.46 -13.06
C GLU A 449 -16.18 33.73 -14.56
N ILE A 450 -15.83 32.70 -15.32
CA ILE A 450 -15.58 32.87 -16.77
C ILE A 450 -16.76 32.29 -17.53
N PRO A 451 -17.62 33.09 -18.20
CA PRO A 451 -18.69 32.53 -19.02
C PRO A 451 -18.11 32.00 -20.32
N LYS A 452 -18.86 31.12 -21.01
CA LYS A 452 -18.34 30.49 -22.25
C LYS A 452 -17.95 31.58 -23.26
N GLU A 453 -18.66 32.71 -23.22
CA GLU A 453 -18.39 33.81 -24.19
C GLU A 453 -16.97 34.35 -24.00
N GLU A 454 -16.30 33.98 -22.90
CA GLU A 454 -14.95 34.54 -22.62
C GLU A 454 -13.97 33.42 -22.26
N TRP A 455 -14.27 32.17 -22.62
CA TRP A 455 -13.39 31.04 -22.22
C TRP A 455 -11.99 31.21 -22.83
N MET A 456 -11.91 31.44 -24.14
CA MET A 456 -10.58 31.52 -24.79
C MET A 456 -9.88 32.81 -24.36
N LYS A 457 -10.63 33.91 -24.26
CA LYS A 457 -10.01 35.22 -23.89
C LYS A 457 -9.33 35.09 -22.53
N LYS A 458 -10.07 34.64 -21.51
CA LYS A 458 -9.49 34.52 -20.15
C LYS A 458 -8.36 33.48 -20.19
N TRP A 459 -8.58 32.34 -20.85
CA TRP A 459 -7.55 31.27 -20.89
C TRP A 459 -6.24 31.86 -21.39
N TRP A 460 -6.32 32.74 -22.39
CA TRP A 460 -5.09 33.34 -22.96
C TRP A 460 -4.59 34.49 -22.07
N GLU A 461 -5.50 35.16 -21.36
CA GLU A 461 -5.06 36.23 -20.42
C GLU A 461 -4.39 35.56 -19.19
N MET A 462 -5.02 34.51 -18.66
CA MET A 462 -4.43 33.81 -17.49
C MET A 462 -3.10 33.17 -17.90
N ARG A 463 -3.02 32.62 -19.11
CA ARG A 463 -1.76 32.01 -19.55
C ARG A 463 -0.66 33.09 -19.64
N ARG A 464 -0.98 34.22 -20.25
CA ARG A 464 0.03 35.30 -20.38
C ARG A 464 0.47 35.78 -18.99
N GLU A 465 -0.47 35.95 -18.07
CA GLU A 465 -0.10 36.52 -16.74
C GLU A 465 0.62 35.47 -15.89
N ILE A 466 -0.03 34.34 -15.62
CA ILE A 466 0.56 33.36 -14.68
C ILE A 466 1.74 32.63 -15.33
N VAL A 467 1.58 32.15 -16.56
CA VAL A 467 2.65 31.28 -17.15
C VAL A 467 3.64 32.09 -18.00
N GLY A 468 3.30 33.31 -18.40
CA GLY A 468 4.21 34.06 -19.29
C GLY A 468 4.33 33.43 -20.65
N VAL A 469 3.19 33.02 -21.21
CA VAL A 469 3.18 32.34 -22.53
C VAL A 469 2.10 32.99 -23.39
N VAL A 470 2.41 33.27 -24.65
CA VAL A 470 1.44 33.96 -25.53
C VAL A 470 1.04 33.03 -26.67
N GLU A 471 -0.18 33.18 -27.18
CA GLU A 471 -0.69 32.31 -28.26
C GLU A 471 -0.03 32.72 -29.58
N PRO A 472 0.52 31.79 -30.37
CA PRO A 472 1.11 32.16 -31.64
C PRO A 472 0.13 32.78 -32.62
N VAL A 473 -1.13 32.34 -32.57
CA VAL A 473 -2.14 32.87 -33.52
C VAL A 473 -3.41 33.22 -32.73
N PRO A 474 -4.19 34.22 -33.16
CA PRO A 474 -5.38 34.58 -32.41
C PRO A 474 -6.42 33.47 -32.41
N HIS A 475 -7.10 33.28 -31.27
CA HIS A 475 -8.07 32.16 -31.15
C HIS A 475 -9.44 32.70 -30.74
N ASP A 476 -10.48 32.33 -31.48
CA ASP A 476 -11.87 32.80 -31.17
C ASP A 476 -12.55 31.78 -30.25
N GLU A 477 -13.79 32.07 -29.84
CA GLU A 477 -14.51 31.19 -28.89
C GLU A 477 -14.86 29.86 -29.58
N THR A 478 -14.44 29.65 -30.83
CA THR A 478 -14.67 28.34 -31.45
C THR A 478 -13.62 27.34 -31.01
N TYR A 479 -12.61 27.79 -30.27
CA TYR A 479 -11.52 26.90 -29.82
C TYR A 479 -11.74 26.46 -28.39
N CYS A 480 -11.20 25.30 -28.04
CA CYS A 480 -11.27 24.78 -26.65
C CYS A 480 -9.87 24.28 -26.29
N ASP A 481 -8.87 25.15 -26.47
CA ASP A 481 -7.45 24.79 -26.24
C ASP A 481 -7.21 23.96 -24.97
N PRO A 482 -7.81 24.25 -23.80
CA PRO A 482 -7.62 23.38 -22.65
C PRO A 482 -8.00 21.94 -22.94
N ALA A 483 -9.07 21.72 -23.69
CA ALA A 483 -9.55 20.34 -23.94
C ALA A 483 -8.57 19.57 -24.84
N SER A 484 -7.61 20.25 -25.45
CA SER A 484 -6.62 19.55 -26.31
C SER A 484 -5.68 18.70 -25.46
N LEU A 485 -5.71 18.85 -24.14
CA LEU A 485 -4.87 18.02 -23.24
C LEU A 485 -5.63 16.75 -22.84
N PHE A 486 -4.88 15.68 -22.58
CA PHE A 486 -5.51 14.39 -22.24
C PHE A 486 -6.29 14.51 -20.94
N HIS A 487 -5.70 15.14 -19.93
CA HIS A 487 -6.36 15.19 -18.60
C HIS A 487 -7.67 15.97 -18.68
N VAL A 488 -7.67 17.06 -19.44
CA VAL A 488 -8.91 17.88 -19.54
C VAL A 488 -9.96 17.12 -20.36
N ALA A 489 -9.55 16.47 -21.44
CA ALA A 489 -10.53 15.77 -22.31
C ALA A 489 -11.02 14.49 -21.65
N ASN A 490 -10.22 13.91 -20.75
CA ASN A 490 -10.59 12.61 -20.13
C ASN A 490 -11.04 12.79 -18.68
N ASP A 491 -11.38 14.02 -18.27
CA ASP A 491 -11.94 14.25 -16.92
C ASP A 491 -11.02 13.79 -15.79
N TYR A 492 -9.85 14.41 -15.68
CA TYR A 492 -8.96 14.08 -14.54
C TYR A 492 -8.54 15.37 -13.84
N SER A 493 -8.39 15.31 -12.52
CA SER A 493 -7.90 16.49 -11.76
C SER A 493 -6.42 16.73 -12.09
N PHE A 494 -5.94 17.93 -11.81
CA PHE A 494 -4.55 18.28 -12.20
C PHE A 494 -3.74 18.88 -11.05
N ILE A 495 -4.39 19.35 -9.98
CA ILE A 495 -3.61 20.00 -8.88
C ILE A 495 -2.81 18.94 -8.11
N ARG A 496 -3.08 17.66 -8.38
CA ARG A 496 -2.37 16.58 -7.66
C ARG A 496 -0.86 16.66 -7.93
N TYR A 497 -0.48 17.03 -9.14
CA TYR A 497 0.98 17.14 -9.45
C TYR A 497 1.60 18.29 -8.67
N TYR A 498 0.87 19.41 -8.56
CA TYR A 498 1.39 20.56 -7.78
C TYR A 498 1.62 20.16 -6.34
N THR A 499 0.59 19.58 -5.71
CA THR A 499 0.74 19.17 -4.29
C THR A 499 1.76 18.06 -4.17
N ARG A 500 1.87 17.21 -5.20
CA ARG A 500 2.85 16.12 -5.17
C ARG A 500 4.27 16.69 -5.12
N THR A 501 4.56 17.68 -5.94
CA THR A 501 5.90 18.29 -5.93
C THR A 501 6.18 18.91 -4.58
N ILE A 502 5.21 19.66 -4.05
CA ILE A 502 5.44 20.35 -2.75
C ILE A 502 5.69 19.30 -1.66
N PHE A 503 4.82 18.30 -1.56
CA PHE A 503 4.96 17.28 -0.50
C PHE A 503 6.24 16.47 -0.69
N GLU A 504 6.59 16.18 -1.94
CA GLU A 504 7.81 15.39 -2.21
C GLU A 504 9.04 16.13 -1.67
N PHE A 505 9.13 17.42 -1.95
CA PHE A 505 10.36 18.13 -1.49
C PHE A 505 10.31 18.32 0.03
N GLN A 506 9.12 18.49 0.60
CA GLN A 506 9.04 18.56 2.09
C GLN A 506 9.53 17.23 2.70
N PHE A 507 9.07 16.11 2.17
CA PHE A 507 9.52 14.80 2.69
C PHE A 507 11.02 14.65 2.51
N HIS A 508 11.53 15.07 1.35
CA HIS A 508 12.97 14.95 1.08
C HIS A 508 13.77 15.71 2.14
N GLU A 509 13.39 16.97 2.39
CA GLU A 509 14.15 17.77 3.38
C GLU A 509 14.03 17.14 4.76
N ALA A 510 12.82 16.69 5.13
CA ALA A 510 12.64 16.10 6.47
C ALA A 510 13.53 14.87 6.64
N LEU A 511 13.46 13.94 5.69
CA LEU A 511 14.23 12.67 5.85
C LEU A 511 15.73 12.96 5.75
N CYS A 512 16.13 13.93 4.95
CA CYS A 512 17.58 14.27 4.87
C CYS A 512 18.04 14.89 6.19
N ARG A 513 17.19 15.65 6.85
CA ARG A 513 17.56 16.18 8.18
C ARG A 513 17.65 15.01 9.19
N ILE A 514 16.73 14.06 9.08
CA ILE A 514 16.78 12.88 9.99
C ILE A 514 18.05 12.06 9.70
N ALA A 515 18.41 11.89 8.43
CA ALA A 515 19.57 11.04 8.07
C ALA A 515 20.90 11.71 8.42
N GLN A 516 20.87 12.87 9.08
CA GLN A 516 22.11 13.58 9.48
C GLN A 516 22.98 13.83 8.24
N HIS A 517 22.34 14.30 7.16
CA HIS A 517 23.09 14.61 5.92
C HIS A 517 23.48 16.08 5.95
N ASN A 518 24.78 16.34 5.82
CA ASN A 518 25.29 17.74 5.87
C ASN A 518 25.78 18.11 4.46
N GLY A 519 25.17 19.15 3.89
CA GLY A 519 25.57 19.58 2.54
C GLY A 519 24.39 20.02 1.72
N PRO A 520 24.52 20.12 0.40
CA PRO A 520 23.40 20.48 -0.44
C PRO A 520 22.27 19.48 -0.33
N LEU A 521 21.03 19.98 -0.41
CA LEU A 521 19.86 19.08 -0.26
C LEU A 521 19.69 18.18 -1.48
N HIS A 522 20.31 18.54 -2.61
CA HIS A 522 20.12 17.73 -3.84
C HIS A 522 21.16 16.60 -3.94
N LYS A 523 22.06 16.51 -2.96
CA LYS A 523 23.06 15.42 -2.95
C LYS A 523 22.79 14.54 -1.72
N CYS A 524 21.52 14.24 -1.45
CA CYS A 524 21.17 13.50 -0.21
C CYS A 524 20.64 12.09 -0.51
N ASP A 525 21.21 11.08 0.14
CA ASP A 525 20.70 9.68 -0.01
C ASP A 525 20.30 9.16 1.37
N ILE A 526 19.10 8.60 1.50
CA ILE A 526 18.60 8.13 2.82
C ILE A 526 18.99 6.65 3.01
N SER A 527 19.91 6.16 2.19
CA SER A 527 20.30 4.74 2.28
C SER A 527 21.02 4.45 3.60
N ASN A 528 20.82 3.25 4.14
CA ASN A 528 21.49 2.83 5.39
C ASN A 528 21.16 3.80 6.52
N SER A 529 19.93 4.31 6.53
CA SER A 529 19.48 5.23 7.61
C SER A 529 18.21 4.64 8.21
N THR A 530 18.35 3.92 9.32
CA THR A 530 17.17 3.24 9.91
C THR A 530 16.24 4.25 10.57
N ASP A 531 16.76 5.40 10.99
CA ASP A 531 15.89 6.43 11.60
C ASP A 531 15.00 7.08 10.54
N ALA A 532 15.59 7.46 9.42
CA ALA A 532 14.79 8.04 8.31
C ALA A 532 13.79 7.01 7.80
N GLY A 533 14.24 5.77 7.65
CA GLY A 533 13.30 4.72 7.22
C GLY A 533 12.20 4.50 8.25
N LYS A 534 12.52 4.61 9.53
CA LYS A 534 11.51 4.42 10.58
C LYS A 534 10.44 5.51 10.49
N LYS A 535 10.87 6.76 10.36
CA LYS A 535 9.88 7.87 10.28
C LYS A 535 9.10 7.76 8.96
N LEU A 536 9.77 7.34 7.90
CA LEU A 536 9.06 7.15 6.61
C LEU A 536 8.00 6.04 6.74
N HIS A 537 8.36 4.94 7.38
CA HIS A 537 7.41 3.82 7.54
C HIS A 537 6.25 4.26 8.46
N GLN A 538 6.55 5.07 9.46
CA GLN A 538 5.47 5.63 10.30
C GLN A 538 4.55 6.49 9.42
N MET A 539 5.15 7.25 8.50
CA MET A 539 4.33 8.08 7.58
C MET A 539 3.51 7.18 6.66
N LEU A 540 4.10 6.10 6.14
CA LEU A 540 3.38 5.27 5.15
C LEU A 540 2.33 4.39 5.82
N SER A 541 2.53 4.04 7.09
CA SER A 541 1.63 3.04 7.73
C SER A 541 0.22 3.60 8.00
N VAL A 542 0.10 4.89 8.29
CA VAL A 542 -1.24 5.42 8.68
C VAL A 542 -2.20 5.37 7.49
N GLY A 543 -1.69 5.63 6.28
CA GLY A 543 -2.58 5.65 5.11
C GLY A 543 -3.53 6.82 5.15
N LYS A 544 -4.83 6.54 5.17
CA LYS A 544 -5.84 7.62 5.22
C LYS A 544 -6.57 7.60 6.56
N SER A 545 -6.01 6.94 7.58
CA SER A 545 -6.68 6.81 8.89
C SER A 545 -6.62 8.12 9.69
N GLN A 546 -5.81 9.08 9.25
CA GLN A 546 -5.66 10.34 10.02
C GLN A 546 -5.46 11.50 9.04
N ALA A 547 -5.72 12.71 9.52
CA ALA A 547 -5.61 13.91 8.64
C ALA A 547 -4.20 14.01 8.06
N TRP A 548 -4.14 14.36 6.77
CA TRP A 548 -2.82 14.47 6.11
C TRP A 548 -2.00 15.60 6.72
N THR A 549 -2.68 16.56 7.37
CA THR A 549 -1.98 17.67 8.03
C THR A 549 -1.16 17.12 9.18
N LYS A 550 -1.77 16.24 9.99
CA LYS A 550 -1.05 15.62 11.14
C LYS A 550 0.12 14.77 10.60
N THR A 551 -0.14 13.95 9.58
CA THR A 551 0.92 13.11 8.99
C THR A 551 2.07 14.00 8.61
N LEU A 552 1.79 15.11 7.92
CA LEU A 552 2.84 16.05 7.49
C LEU A 552 3.55 16.63 8.73
N GLU A 553 2.80 16.96 9.77
CA GLU A 553 3.43 17.48 11.00
C GLU A 553 4.32 16.39 11.62
N ASP A 554 3.86 15.15 11.59
CA ASP A 554 4.64 14.04 12.18
C ASP A 554 5.97 13.86 11.44
N ILE A 555 5.95 13.97 10.11
CA ILE A 555 7.18 13.66 9.32
C ILE A 555 8.07 14.89 9.17
N VAL A 556 7.51 16.04 8.78
CA VAL A 556 8.39 17.23 8.48
C VAL A 556 8.35 18.27 9.60
N GLY A 557 7.47 18.11 10.59
CA GLY A 557 7.46 19.07 11.71
C GLY A 557 6.50 20.23 11.52
N SER A 558 5.89 20.34 10.33
CA SER A 558 4.94 21.43 10.05
C SER A 558 3.66 20.85 9.46
N ARG A 559 2.52 21.47 9.77
CA ARG A 559 1.22 20.96 9.28
C ARG A 559 0.74 21.76 8.06
N ASN A 560 1.58 22.66 7.54
CA ASN A 560 1.16 23.51 6.40
C ASN A 560 2.01 23.18 5.17
N MET A 561 1.38 23.18 4.00
CA MET A 561 2.16 22.96 2.76
C MET A 561 3.18 24.09 2.61
N ASP A 562 4.44 23.73 2.36
CA ASP A 562 5.50 24.74 2.33
C ASP A 562 6.40 24.53 1.11
N VAL A 563 6.66 25.59 0.37
CA VAL A 563 7.58 25.49 -0.80
C VAL A 563 9.01 25.83 -0.36
N GLY A 564 9.23 26.06 0.93
CA GLY A 564 10.57 26.39 1.44
C GLY A 564 11.57 25.30 1.15
N PRO A 565 11.28 24.02 1.43
CA PRO A 565 12.19 22.96 1.02
C PRO A 565 12.47 22.96 -0.48
N LEU A 566 11.46 23.27 -1.29
CA LEU A 566 11.65 23.29 -2.76
C LEU A 566 12.62 24.41 -3.14
N LEU A 567 12.46 25.59 -2.53
CA LEU A 567 13.37 26.71 -2.87
C LEU A 567 14.78 26.41 -2.36
N ARG A 568 14.90 25.79 -1.18
CA ARG A 568 16.24 25.43 -0.67
C ARG A 568 16.88 24.38 -1.58
N TYR A 569 16.08 23.49 -2.15
CA TYR A 569 16.65 22.49 -3.10
C TYR A 569 17.22 23.20 -4.32
N PHE A 570 16.52 24.22 -4.81
CA PHE A 570 16.98 24.92 -6.05
C PHE A 570 17.75 26.20 -5.72
N GLU A 571 18.23 26.34 -4.49
CA GLU A 571 18.94 27.58 -4.09
C GLU A 571 20.21 27.78 -4.94
N PRO A 572 21.10 26.79 -5.16
CA PRO A 572 22.23 27.02 -6.05
C PRO A 572 21.78 27.39 -7.45
N LEU A 573 20.71 26.75 -7.93
CA LEU A 573 20.18 27.08 -9.27
C LEU A 573 19.66 28.53 -9.28
N TYR A 574 19.00 28.93 -8.20
CA TYR A 574 18.47 30.31 -8.14
C TYR A 574 19.63 31.31 -8.16
N THR A 575 20.69 31.02 -7.42
CA THR A 575 21.86 31.93 -7.41
C THR A 575 22.49 32.00 -8.79
N TRP A 576 22.66 30.85 -9.44
CA TRP A 576 23.28 30.83 -10.78
C TRP A 576 22.39 31.56 -11.78
N LEU A 577 21.07 31.36 -11.68
CA LEU A 577 20.13 32.06 -12.59
C LEU A 577 20.21 33.58 -12.36
N GLN A 578 20.25 34.00 -11.11
CA GLN A 578 20.35 35.45 -10.84
C GLN A 578 21.67 35.99 -11.40
N GLU A 579 22.73 35.20 -11.30
CA GLU A 579 24.02 35.65 -11.90
C GLU A 579 23.87 35.78 -13.42
N GLN A 580 23.19 34.82 -14.07
CA GLN A 580 23.09 34.87 -15.54
C GLN A 580 22.06 35.90 -16.01
N ASN A 581 21.19 36.37 -15.12
CA ASN A 581 20.08 37.27 -15.54
C ASN A 581 20.37 38.73 -15.18
N ARG A 582 21.62 39.07 -14.88
CA ARG A 582 21.94 40.49 -14.62
C ARG A 582 21.76 41.32 -15.90
N LYS A 583 22.33 40.86 -17.01
CA LYS A 583 22.24 41.65 -18.27
C LYS A 583 20.90 41.39 -18.97
N SER A 584 20.22 40.30 -18.65
CA SER A 584 18.95 39.98 -19.32
C SER A 584 17.78 40.69 -18.62
N TYR A 585 16.57 40.47 -19.12
CA TYR A 585 15.37 41.08 -18.50
C TYR A 585 14.60 40.00 -17.76
N VAL A 586 14.22 40.28 -16.53
CA VAL A 586 13.44 39.29 -15.71
C VAL A 586 11.98 39.75 -15.67
N GLY A 587 11.07 38.88 -16.08
CA GLY A 587 9.66 39.27 -16.17
C GLY A 587 9.19 39.27 -17.60
N TRP A 588 7.92 39.57 -17.80
CA TRP A 588 7.36 39.57 -19.17
C TRP A 588 6.23 40.57 -19.29
N ASN A 589 5.95 40.99 -20.52
CA ASN A 589 4.84 41.94 -20.77
C ASN A 589 3.67 41.17 -21.38
N THR A 590 2.47 41.39 -20.85
CA THR A 590 1.28 40.64 -21.32
C THR A 590 0.60 41.36 -22.48
N ASP A 591 1.32 42.28 -23.13
CA ASP A 591 0.73 43.05 -24.26
C ASP A 591 1.29 42.54 -25.59
N TRP A 592 2.53 42.05 -25.60
CA TRP A 592 3.14 41.63 -26.87
C TRP A 592 2.58 40.28 -27.32
N SER A 593 2.36 40.14 -28.62
CA SER A 593 1.89 38.84 -29.18
C SER A 593 2.64 38.60 -30.49
N PRO A 594 2.84 37.35 -30.92
CA PRO A 594 3.58 37.12 -32.15
C PRO A 594 2.79 37.48 -33.40
N TYR A 595 1.46 37.55 -33.31
CA TYR A 595 0.63 37.83 -34.51
C TYR A 595 0.31 39.31 -34.64
N SER A 596 0.77 40.15 -33.70
CA SER A 596 0.52 41.61 -33.81
C SER A 596 1.85 42.34 -34.02
N VAL B 320 22.54 -33.88 51.24
CA VAL B 320 22.51 -35.29 50.79
C VAL B 320 22.15 -35.34 49.30
N GLN B 321 23.16 -35.52 48.46
CA GLN B 321 22.91 -35.56 47.00
C GLN B 321 22.15 -36.84 46.63
N PRO B 322 21.20 -36.78 45.68
CA PRO B 322 20.52 -38.00 45.25
C PRO B 322 21.47 -38.95 44.54
N GLN B 323 21.51 -40.19 45.00
CA GLN B 323 22.45 -41.18 44.42
C GLN B 323 21.82 -41.92 43.23
N ASP B 324 20.51 -41.76 43.01
CA ASP B 324 19.85 -42.52 41.92
C ASP B 324 18.63 -41.76 41.43
N THR B 325 18.11 -42.17 40.27
CA THR B 325 16.89 -41.55 39.71
C THR B 325 15.81 -42.60 39.55
N VAL B 326 14.62 -42.30 40.05
CA VAL B 326 13.49 -43.27 39.95
C VAL B 326 12.43 -42.68 39.02
N VAL B 327 12.19 -43.36 37.90
CA VAL B 327 11.19 -42.89 36.91
C VAL B 327 10.16 -43.99 36.71
N ARG B 328 8.88 -43.65 36.88
CA ARG B 328 7.81 -44.67 36.77
C ARG B 328 6.72 -44.17 35.82
N PHE B 329 6.23 -45.08 34.98
CA PHE B 329 5.13 -44.76 34.04
C PHE B 329 4.16 -45.93 34.02
N PRO B 330 2.87 -45.70 33.71
CA PRO B 330 1.93 -46.80 33.61
C PRO B 330 2.22 -47.69 32.41
N ASN B 331 1.79 -48.95 32.50
CA ASN B 331 2.09 -49.93 31.42
C ASN B 331 1.21 -49.63 30.20
N ILE B 332 1.72 -48.79 29.31
CA ILE B 332 0.97 -48.45 28.07
C ILE B 332 1.85 -48.78 26.87
N THR B 333 1.28 -49.44 25.85
CA THR B 333 2.08 -49.88 24.69
C THR B 333 1.64 -49.21 23.39
N ASN B 334 0.38 -48.80 23.30
CA ASN B 334 -0.14 -48.24 22.03
C ASN B 334 0.45 -46.84 21.79
N LEU B 335 0.72 -46.53 20.53
CA LEU B 335 1.22 -45.18 20.19
C LEU B 335 0.02 -44.27 19.90
N CYS B 336 0.12 -43.02 20.33
CA CYS B 336 -1.02 -42.09 20.15
C CYS B 336 -1.23 -41.79 18.66
N PRO B 337 -2.50 -41.70 18.18
CA PRO B 337 -2.77 -41.46 16.78
C PRO B 337 -2.62 -40.00 16.35
N PHE B 338 -1.45 -39.43 16.57
CA PHE B 338 -1.21 -38.04 16.15
C PHE B 338 -1.20 -37.92 14.64
N SER B 339 -0.76 -38.97 13.95
CA SER B 339 -0.66 -38.90 12.46
C SER B 339 -2.06 -38.74 11.85
N GLU B 340 -3.08 -39.32 12.48
CA GLU B 340 -4.44 -39.26 11.86
C GLU B 340 -4.97 -37.82 11.93
N VAL B 341 -4.40 -36.99 12.80
CA VAL B 341 -4.89 -35.58 12.97
C VAL B 341 -4.01 -34.64 12.12
N PHE B 342 -2.69 -34.71 12.29
CA PHE B 342 -1.80 -33.75 11.59
C PHE B 342 -1.74 -34.04 10.09
N ASN B 343 -2.11 -35.26 9.67
CA ASN B 343 -2.01 -35.63 8.24
C ASN B 343 -3.39 -35.98 7.67
N ALA B 344 -4.44 -35.43 8.25
CA ALA B 344 -5.81 -35.70 7.75
C ALA B 344 -5.97 -35.14 6.34
N THR B 345 -6.83 -35.77 5.55
CA THR B 345 -7.01 -35.32 4.16
C THR B 345 -7.86 -34.06 4.11
N THR B 346 -8.84 -33.92 5.02
CA THR B 346 -9.69 -32.72 5.04
C THR B 346 -9.69 -32.10 6.42
N PHE B 347 -9.63 -30.78 6.47
CA PHE B 347 -9.70 -30.07 7.77
C PHE B 347 -10.98 -29.24 7.82
N ALA B 348 -11.55 -29.13 9.01
CA ALA B 348 -12.84 -28.43 9.16
C ALA B 348 -12.62 -26.92 9.24
N SER B 349 -13.72 -26.18 9.09
CA SER B 349 -13.64 -24.71 9.18
C SER B 349 -13.58 -24.28 10.66
N VAL B 350 -13.25 -23.02 10.90
CA VAL B 350 -13.07 -22.55 12.29
C VAL B 350 -14.39 -22.66 13.07
N TYR B 351 -15.50 -22.29 12.44
CA TYR B 351 -16.79 -22.31 13.17
C TYR B 351 -17.20 -23.74 13.51
N ALA B 352 -16.65 -24.73 12.80
CA ALA B 352 -17.00 -26.14 13.04
C ALA B 352 -15.73 -26.95 13.28
N TRP B 353 -14.87 -26.44 14.15
CA TRP B 353 -13.58 -27.11 14.42
C TRP B 353 -13.81 -28.51 14.96
N ASN B 354 -12.96 -29.44 14.54
CA ASN B 354 -13.12 -30.86 14.94
C ASN B 354 -12.22 -31.18 16.14
N ARG B 355 -12.81 -31.79 17.17
CA ARG B 355 -12.04 -32.19 18.38
C ARG B 355 -11.91 -33.71 18.41
N LYS B 356 -10.69 -34.18 18.60
CA LYS B 356 -10.46 -35.64 18.72
C LYS B 356 -9.88 -35.93 20.11
N ARG B 357 -10.52 -36.86 20.82
CA ARG B 357 -10.05 -37.19 22.19
C ARG B 357 -8.92 -38.21 22.09
N ILE B 358 -7.83 -37.95 22.81
CA ILE B 358 -6.67 -38.87 22.78
C ILE B 358 -6.47 -39.42 24.20
N SER B 359 -6.46 -40.73 24.32
CA SER B 359 -6.28 -41.35 25.66
C SER B 359 -5.74 -42.78 25.51
N ASN B 360 -5.19 -43.32 26.60
CA ASN B 360 -4.72 -44.73 26.61
C ASN B 360 -3.67 -44.96 25.52
N CYS B 361 -2.66 -44.09 25.45
CA CYS B 361 -1.60 -44.29 24.45
C CYS B 361 -0.34 -43.55 24.90
N VAL B 362 0.76 -43.85 24.23
CA VAL B 362 2.05 -43.18 24.55
C VAL B 362 2.25 -42.04 23.55
N ALA B 363 2.45 -40.83 24.06
CA ALA B 363 2.59 -39.65 23.17
C ALA B 363 4.05 -39.46 22.78
N ASP B 364 4.35 -39.77 21.52
CA ASP B 364 5.73 -39.52 21.01
C ASP B 364 5.71 -38.18 20.28
N TYR B 365 6.22 -37.14 20.93
CA TYR B 365 6.19 -35.78 20.33
C TYR B 365 7.35 -35.57 19.37
N SER B 366 8.24 -36.55 19.22
CA SER B 366 9.33 -36.41 18.22
C SER B 366 8.75 -36.40 16.79
N VAL B 367 7.55 -36.93 16.61
CA VAL B 367 6.93 -36.93 15.26
C VAL B 367 6.66 -35.48 14.86
N LEU B 368 6.52 -34.59 15.86
CA LEU B 368 6.17 -33.17 15.60
C LEU B 368 7.39 -32.24 15.66
N TYR B 369 7.84 -31.86 16.87
CA TYR B 369 8.94 -30.86 17.01
C TYR B 369 10.01 -31.07 15.94
N ASN B 370 10.41 -32.32 15.70
CA ASN B 370 11.50 -32.59 14.73
C ASN B 370 11.13 -32.00 13.37
N SER B 371 9.83 -32.03 13.02
CA SER B 371 9.36 -31.46 11.74
C SER B 371 9.49 -29.93 11.78
N THR B 372 10.14 -29.33 10.77
CA THR B 372 10.27 -27.86 10.71
C THR B 372 9.10 -27.29 9.94
N SER B 373 8.11 -28.14 9.63
CA SER B 373 6.92 -27.70 8.86
C SER B 373 6.08 -26.69 9.66
N PHE B 374 5.99 -26.88 10.99
CA PHE B 374 5.10 -26.01 11.81
C PHE B 374 5.65 -24.58 11.85
N SER B 375 4.80 -23.60 11.53
CA SER B 375 5.19 -22.17 11.57
C SER B 375 5.03 -21.67 13.02
N THR B 376 4.03 -22.17 13.74
CA THR B 376 3.82 -21.78 15.16
C THR B 376 3.78 -23.00 16.05
N PHE B 377 4.47 -22.96 17.20
CA PHE B 377 4.45 -24.08 18.19
C PHE B 377 4.64 -23.44 19.56
N GLN B 378 3.60 -22.84 20.13
CA GLN B 378 3.78 -22.09 21.39
C GLN B 378 3.03 -22.75 22.55
N CYS B 379 3.75 -23.32 23.52
CA CYS B 379 3.10 -24.02 24.66
C CYS B 379 3.16 -23.14 25.92
N TYR B 380 2.01 -22.91 26.58
CA TYR B 380 1.95 -22.05 27.79
C TYR B 380 1.53 -22.91 28.97
N GLY B 381 2.28 -22.82 30.07
CA GLY B 381 1.99 -23.69 31.22
C GLY B 381 2.81 -24.96 31.18
N VAL B 382 3.31 -25.33 30.01
CA VAL B 382 4.20 -26.51 29.90
C VAL B 382 5.39 -26.11 29.01
N SER B 383 6.47 -26.88 29.09
CA SER B 383 7.65 -26.60 28.24
C SER B 383 7.61 -27.49 27.00
N SER B 384 7.90 -26.91 25.84
CA SER B 384 7.91 -27.71 24.59
C SER B 384 8.96 -28.82 24.67
N THR B 385 10.13 -28.51 25.23
CA THR B 385 11.21 -29.51 25.34
C THR B 385 10.89 -30.56 26.39
N LYS B 386 9.99 -30.25 27.32
CA LYS B 386 9.67 -31.20 28.41
C LYS B 386 8.33 -31.91 28.15
N LEU B 387 7.77 -31.77 26.95
CA LEU B 387 6.48 -32.43 26.64
C LEU B 387 6.64 -33.95 26.72
N ASN B 388 7.76 -34.48 26.24
CA ASN B 388 7.96 -35.95 26.23
C ASN B 388 8.14 -36.50 27.65
N ASP B 389 8.32 -35.63 28.64
CA ASP B 389 8.56 -36.10 30.03
C ASP B 389 7.33 -35.91 30.91
N LEU B 390 6.21 -35.46 30.34
CA LEU B 390 5.02 -35.16 31.18
C LEU B 390 3.94 -36.23 30.99
N CYS B 391 2.99 -36.27 31.93
CA CYS B 391 1.86 -37.21 31.82
C CYS B 391 0.56 -36.43 32.01
N PHE B 392 -0.45 -36.77 31.21
CA PHE B 392 -1.76 -36.07 31.30
C PHE B 392 -2.89 -37.08 31.35
N THR B 393 -4.00 -36.68 31.95
CA THR B 393 -5.17 -37.56 32.00
C THR B 393 -5.75 -37.73 30.61
N ASN B 394 -5.96 -36.63 29.91
CA ASN B 394 -6.50 -36.68 28.53
C ASN B 394 -5.87 -35.57 27.70
N VAL B 395 -5.74 -35.85 26.40
CA VAL B 395 -5.22 -34.81 25.47
C VAL B 395 -6.28 -34.61 24.38
N TYR B 396 -6.64 -33.36 24.14
CA TYR B 396 -7.66 -33.03 23.11
C TYR B 396 -6.98 -32.42 21.91
N ALA B 397 -7.29 -32.96 20.73
CA ALA B 397 -6.70 -32.47 19.47
C ALA B 397 -7.75 -31.69 18.69
N ASP B 398 -7.56 -30.37 18.58
CA ASP B 398 -8.52 -29.53 17.84
C ASP B 398 -7.87 -29.06 16.55
N SER B 399 -8.58 -29.22 15.42
CA SER B 399 -8.00 -28.87 14.12
C SER B 399 -8.95 -27.97 13.33
N PHE B 400 -8.40 -26.96 12.66
CA PHE B 400 -9.24 -26.07 11.81
C PHE B 400 -8.32 -25.30 10.89
N VAL B 401 -8.93 -24.51 10.00
CA VAL B 401 -8.14 -23.73 9.01
C VAL B 401 -8.49 -22.25 9.13
N VAL B 402 -7.46 -21.41 9.29
CA VAL B 402 -7.68 -19.93 9.37
C VAL B 402 -6.73 -19.23 8.42
N ARG B 403 -6.73 -17.91 8.46
CA ARG B 403 -5.83 -17.12 7.59
C ARG B 403 -4.44 -17.01 8.22
N GLY B 404 -3.48 -16.54 7.43
CA GLY B 404 -2.11 -16.40 7.94
C GLY B 404 -2.00 -15.32 9.00
N ASP B 405 -2.67 -14.19 8.79
CA ASP B 405 -2.54 -13.07 9.74
C ASP B 405 -3.45 -13.31 10.96
N GLU B 406 -4.22 -14.39 10.96
CA GLU B 406 -5.21 -14.61 12.04
C GLU B 406 -4.76 -15.70 13.00
N VAL B 407 -3.73 -16.47 12.63
CA VAL B 407 -3.19 -17.53 13.54
C VAL B 407 -2.83 -16.89 14.88
N ARG B 408 -2.55 -15.58 14.87
CA ARG B 408 -2.15 -14.87 16.13
C ARG B 408 -3.27 -14.92 17.16
N GLN B 409 -4.53 -14.93 16.71
CA GLN B 409 -5.67 -14.89 17.66
C GLN B 409 -5.84 -16.26 18.35
N ILE B 410 -5.01 -17.25 18.01
CA ILE B 410 -5.15 -18.54 18.74
C ILE B 410 -4.17 -18.49 19.92
N ALA B 411 -4.59 -17.83 21.01
CA ALA B 411 -3.73 -17.69 22.19
C ALA B 411 -4.61 -17.28 23.36
N PRO B 412 -4.29 -17.70 24.60
CA PRO B 412 -5.06 -17.25 25.75
C PRO B 412 -5.07 -15.74 25.91
N GLY B 413 -6.22 -15.19 26.33
CA GLY B 413 -6.29 -13.75 26.60
C GLY B 413 -6.39 -12.89 25.36
N GLN B 414 -6.48 -13.49 24.18
CA GLN B 414 -6.49 -12.67 22.95
C GLN B 414 -7.92 -12.45 22.46
N THR B 415 -8.24 -11.24 22.01
CA THR B 415 -9.59 -10.96 21.48
C THR B 415 -9.52 -10.68 19.99
N GLY B 416 -10.63 -10.90 19.27
CA GLY B 416 -10.66 -10.70 17.81
C GLY B 416 -11.67 -11.65 17.17
N VAL B 417 -11.90 -11.57 15.87
CA VAL B 417 -12.94 -12.40 15.19
C VAL B 417 -12.83 -13.89 15.58
N ILE B 418 -11.68 -14.54 15.41
CA ILE B 418 -11.58 -15.96 15.87
C ILE B 418 -12.00 -16.05 17.35
N ALA B 419 -11.39 -15.25 18.23
CA ALA B 419 -11.62 -15.41 19.69
C ALA B 419 -12.85 -14.67 20.18
N ASP B 420 -13.88 -14.53 19.34
CA ASP B 420 -15.13 -13.92 19.88
C ASP B 420 -16.35 -14.71 19.39
N TYR B 421 -16.34 -15.17 18.13
CA TYR B 421 -17.58 -15.81 17.61
C TYR B 421 -17.33 -17.22 17.02
N ASN B 422 -16.09 -17.73 16.99
CA ASN B 422 -15.92 -19.07 16.36
C ASN B 422 -14.82 -19.92 17.03
N TYR B 423 -14.15 -19.43 18.07
CA TYR B 423 -13.16 -20.26 18.81
C TYR B 423 -12.68 -19.49 20.05
N LYS B 424 -12.10 -20.17 21.04
CA LYS B 424 -11.53 -19.43 22.20
C LYS B 424 -10.65 -20.36 23.07
N LEU B 425 -9.63 -19.79 23.71
CA LEU B 425 -8.71 -20.52 24.61
C LEU B 425 -8.74 -19.82 25.98
N PRO B 426 -8.94 -20.53 27.12
CA PRO B 426 -9.09 -19.86 28.40
C PRO B 426 -7.79 -19.26 28.92
N ASP B 427 -7.92 -18.39 29.91
CA ASP B 427 -6.73 -17.70 30.46
C ASP B 427 -5.75 -18.71 31.08
N ASP B 428 -6.26 -19.82 31.57
CA ASP B 428 -5.40 -20.85 32.21
C ASP B 428 -5.18 -22.03 31.24
N PHE B 429 -5.24 -21.76 29.95
CA PHE B 429 -5.10 -22.85 28.95
C PHE B 429 -3.75 -23.55 29.09
N THR B 430 -3.77 -24.88 29.03
CA THR B 430 -2.53 -25.67 29.17
C THR B 430 -2.37 -26.51 27.93
N GLY B 431 -1.41 -26.15 27.09
CA GLY B 431 -1.23 -26.86 25.81
C GLY B 431 -0.69 -25.93 24.76
N CYS B 432 -0.43 -26.46 23.57
CA CYS B 432 0.03 -25.55 22.49
C CYS B 432 -0.65 -25.78 21.15
N VAL B 433 -0.66 -24.71 20.36
CA VAL B 433 -1.29 -24.77 19.01
C VAL B 433 -0.16 -24.96 17.99
N LEU B 434 -0.44 -25.76 16.98
CA LEU B 434 0.55 -25.98 15.90
C LEU B 434 -0.08 -25.49 14.59
N ALA B 435 0.60 -24.57 13.92
CA ALA B 435 0.05 -24.00 12.67
C ALA B 435 1.09 -24.09 11.57
N TRP B 436 0.64 -24.41 10.37
CA TRP B 436 1.56 -24.48 9.22
C TRP B 436 0.82 -24.02 7.97
N ASN B 437 1.58 -23.60 6.96
CA ASN B 437 0.95 -23.07 5.74
C ASN B 437 0.43 -24.21 4.86
N SER B 438 -0.85 -24.17 4.52
CA SER B 438 -1.46 -25.21 3.67
C SER B 438 -1.95 -24.61 2.35
N ARG B 439 -1.19 -23.74 1.72
CA ARG B 439 -1.68 -23.12 0.47
C ARG B 439 -1.73 -24.21 -0.58
N ASN B 440 -0.66 -24.99 -0.69
CA ASN B 440 -0.60 -25.97 -1.79
C ASN B 440 -1.78 -26.95 -1.74
N GLN B 441 -2.44 -27.08 -0.60
CA GLN B 441 -3.59 -28.02 -0.50
C GLN B 441 -4.92 -27.27 -0.47
N ASP B 442 -4.95 -26.06 0.12
CA ASP B 442 -6.26 -25.38 0.33
C ASP B 442 -6.39 -24.07 -0.46
N ALA B 443 -5.47 -23.80 -1.39
CA ALA B 443 -5.55 -22.56 -2.19
C ALA B 443 -5.54 -22.92 -3.67
N SER B 444 -6.57 -22.49 -4.39
CA SER B 444 -6.65 -22.77 -5.85
C SER B 444 -6.43 -21.47 -6.63
N THR B 445 -6.13 -21.60 -7.92
CA THR B 445 -5.93 -20.40 -8.77
C THR B 445 -7.21 -19.58 -8.85
N SER B 446 -8.35 -20.23 -9.04
CA SER B 446 -9.64 -19.52 -9.11
C SER B 446 -10.19 -19.20 -7.71
N GLY B 447 -9.57 -19.75 -6.66
CA GLY B 447 -10.04 -19.47 -5.29
C GLY B 447 -10.76 -20.65 -4.68
N ASN B 448 -10.27 -21.11 -3.53
CA ASN B 448 -10.93 -22.23 -2.82
C ASN B 448 -11.93 -21.64 -1.83
N PHE B 449 -13.22 -21.74 -2.16
CA PHE B 449 -14.27 -21.15 -1.28
C PHE B 449 -15.01 -22.25 -0.52
N ASN B 450 -14.30 -23.26 -0.03
CA ASN B 450 -14.96 -24.33 0.78
C ASN B 450 -14.69 -24.12 2.27
N TYR B 451 -14.07 -23.00 2.65
CA TYR B 451 -13.81 -22.72 4.08
C TYR B 451 -14.58 -21.48 4.49
N TYR B 452 -15.26 -21.55 5.63
CA TYR B 452 -16.15 -20.44 6.05
C TYR B 452 -15.73 -19.90 7.40
N TYR B 453 -16.14 -18.66 7.67
CA TYR B 453 -15.87 -18.02 8.98
C TYR B 453 -17.10 -17.22 9.38
N ARG B 454 -17.26 -17.02 10.69
CA ARG B 454 -18.47 -16.35 11.22
C ARG B 454 -18.15 -14.93 11.70
N ILE B 455 -18.60 -13.93 10.94
CA ILE B 455 -18.24 -12.53 11.30
C ILE B 455 -18.86 -12.14 12.64
N TRP B 456 -20.12 -12.48 12.84
CA TRP B 456 -20.75 -11.95 14.07
C TRP B 456 -21.65 -12.97 14.73
N ARG B 457 -21.54 -13.08 16.05
CA ARG B 457 -22.51 -13.91 16.81
C ARG B 457 -23.04 -12.95 17.88
N SER B 458 -24.22 -13.21 18.44
CA SER B 458 -24.83 -12.25 19.40
C SER B 458 -23.85 -11.91 20.51
N GLU B 459 -23.28 -12.92 21.16
CA GLU B 459 -22.38 -12.67 22.31
C GLU B 459 -21.03 -13.35 22.07
N LYS B 460 -19.94 -12.86 22.67
CA LYS B 460 -18.67 -13.61 22.53
C LYS B 460 -18.91 -15.01 23.11
N LEU B 461 -18.16 -16.01 22.67
CA LEU B 461 -18.47 -17.42 23.04
C LEU B 461 -17.72 -17.90 24.28
N ARG B 462 -18.39 -18.66 25.14
CA ARG B 462 -17.57 -19.25 26.21
C ARG B 462 -16.34 -19.88 25.54
N PRO B 463 -15.23 -20.09 26.27
CA PRO B 463 -13.99 -20.54 25.65
C PRO B 463 -14.06 -21.76 24.74
N PHE B 464 -14.57 -22.88 25.25
CA PHE B 464 -14.55 -24.12 24.43
C PHE B 464 -15.94 -24.44 23.90
N GLU B 465 -16.65 -23.40 23.46
CA GLU B 465 -17.99 -23.61 22.88
C GLU B 465 -17.88 -23.71 21.36
N ARG B 466 -18.76 -24.49 20.75
CA ARG B 466 -18.77 -24.60 19.27
C ARG B 466 -20.11 -24.07 18.74
N ASP B 467 -20.05 -23.20 17.74
CA ASP B 467 -21.30 -22.71 17.12
C ASP B 467 -21.42 -23.36 15.74
N ILE B 468 -22.30 -24.34 15.60
CA ILE B 468 -22.43 -25.06 14.31
C ILE B 468 -23.75 -24.68 13.62
N ALA B 469 -24.55 -23.82 14.24
CA ALA B 469 -25.87 -23.47 13.68
C ALA B 469 -25.71 -22.59 12.43
N HIS B 470 -26.58 -22.80 11.45
CA HIS B 470 -26.53 -21.89 10.27
C HIS B 470 -27.65 -20.87 10.44
N TYR B 471 -27.33 -19.71 11.03
CA TYR B 471 -28.36 -18.66 11.26
C TYR B 471 -27.99 -17.39 10.48
N ASP B 472 -28.91 -16.43 10.38
CA ASP B 472 -28.68 -15.21 9.58
C ASP B 472 -28.68 -13.98 10.49
N TYR B 473 -27.83 -13.00 10.20
CA TYR B 473 -27.74 -11.82 11.10
C TYR B 473 -28.04 -10.56 10.33
N GLN B 474 -28.40 -9.50 11.08
CA GLN B 474 -28.86 -8.25 10.43
C GLN B 474 -27.81 -7.14 10.38
N VAL B 475 -27.49 -6.68 9.17
CA VAL B 475 -26.62 -5.49 9.04
C VAL B 475 -27.48 -4.41 8.38
N GLY B 476 -27.67 -3.29 9.06
CA GLY B 476 -28.54 -2.23 8.52
C GLY B 476 -29.95 -2.73 8.30
N THR B 477 -30.40 -2.76 7.04
CA THR B 477 -31.73 -3.29 6.72
C THR B 477 -31.63 -4.55 5.87
N GLN B 478 -30.42 -5.10 5.72
CA GLN B 478 -30.24 -6.29 4.86
C GLN B 478 -29.98 -7.52 5.74
N PHE B 479 -30.60 -8.65 5.41
CA PHE B 479 -30.36 -9.90 6.19
C PHE B 479 -29.28 -10.72 5.51
N LYS B 480 -28.04 -10.64 6.02
CA LYS B 480 -26.91 -11.41 5.44
C LYS B 480 -26.69 -12.68 6.29
N SER B 481 -25.80 -13.56 5.83
CA SER B 481 -25.51 -14.83 6.57
C SER B 481 -24.32 -14.62 7.51
N SER B 482 -24.40 -15.19 8.71
CA SER B 482 -23.30 -15.04 9.71
C SER B 482 -22.00 -15.64 9.15
N LEU B 483 -22.09 -16.71 8.36
CA LEU B 483 -20.86 -17.38 7.87
C LEU B 483 -20.41 -16.75 6.56
N LYS B 484 -19.10 -16.57 6.38
CA LYS B 484 -18.57 -15.91 5.15
C LYS B 484 -17.45 -16.76 4.54
N ASN B 485 -17.34 -16.77 3.21
CA ASN B 485 -16.27 -17.54 2.53
C ASN B 485 -14.91 -16.91 2.85
N TYR B 486 -13.90 -17.73 3.10
CA TYR B 486 -12.54 -17.21 3.42
C TYR B 486 -11.91 -16.60 2.18
N GLY B 487 -12.03 -17.29 1.04
CA GLY B 487 -11.42 -16.80 -0.20
C GLY B 487 -9.93 -17.07 -0.23
N PHE B 488 -9.55 -18.35 -0.39
CA PHE B 488 -8.11 -18.73 -0.37
C PHE B 488 -7.60 -18.83 -1.81
N TYR B 489 -6.71 -17.91 -2.19
CA TYR B 489 -6.14 -17.91 -3.57
C TYR B 489 -4.67 -18.29 -3.49
N SER B 490 -4.10 -18.74 -4.61
CA SER B 490 -2.67 -19.14 -4.63
C SER B 490 -1.79 -17.91 -4.86
N SER B 491 -2.39 -16.80 -5.28
CA SER B 491 -1.63 -15.55 -5.57
C SER B 491 -1.78 -14.57 -4.41
N ALA B 492 -2.41 -15.00 -3.31
CA ALA B 492 -2.61 -14.12 -2.14
C ALA B 492 -1.34 -14.05 -1.31
N GLY B 493 -1.20 -13.00 -0.49
CA GLY B 493 -0.01 -12.87 0.39
C GLY B 493 -0.10 -13.82 1.56
N ASP B 494 1.03 -14.06 2.24
CA ASP B 494 1.06 -15.03 3.35
C ASP B 494 0.07 -14.64 4.45
N SER B 495 -0.27 -13.36 4.53
CA SER B 495 -1.25 -12.92 5.55
C SER B 495 -2.68 -13.37 5.17
N HIS B 496 -2.88 -13.72 3.90
CA HIS B 496 -4.23 -14.15 3.45
C HIS B 496 -4.22 -15.63 3.02
N GLN B 497 -3.06 -16.26 3.06
CA GLN B 497 -2.95 -17.68 2.63
C GLN B 497 -3.57 -18.59 3.71
N PRO B 498 -4.05 -19.78 3.33
CA PRO B 498 -4.64 -20.66 4.33
C PRO B 498 -3.61 -21.27 5.25
N TYR B 499 -3.99 -21.44 6.52
CA TYR B 499 -3.10 -22.09 7.52
C TYR B 499 -3.89 -23.15 8.25
N ARG B 500 -3.31 -24.35 8.33
CA ARG B 500 -3.96 -25.42 9.12
C ARG B 500 -3.46 -25.31 10.57
N VAL B 501 -4.40 -25.22 11.51
CA VAL B 501 -4.00 -25.03 12.92
C VAL B 501 -4.45 -26.25 13.72
N VAL B 502 -3.50 -26.88 14.41
CA VAL B 502 -3.82 -28.03 15.29
C VAL B 502 -3.34 -27.69 16.70
N VAL B 503 -4.19 -27.94 17.69
CA VAL B 503 -3.82 -27.61 19.08
C VAL B 503 -3.93 -28.87 19.93
N LEU B 504 -3.20 -28.89 21.05
CA LEU B 504 -3.34 -30.01 22.01
C LEU B 504 -3.74 -29.40 23.35
N SER B 505 -4.85 -29.86 23.92
CA SER B 505 -5.30 -29.36 25.24
C SER B 505 -4.97 -30.43 26.30
N PHE B 506 -4.20 -30.03 27.31
CA PHE B 506 -3.74 -31.01 28.33
C PHE B 506 -4.61 -30.91 29.57
N GLU B 507 -5.16 -32.05 29.99
CA GLU B 507 -6.00 -32.07 31.21
C GLU B 507 -5.12 -32.45 32.40
N LEU B 508 -5.19 -31.67 33.47
CA LEU B 508 -4.28 -31.92 34.62
C LEU B 508 -4.62 -33.24 35.33
N LEU B 509 -3.69 -33.71 36.15
CA LEU B 509 -3.86 -35.04 36.77
C LEU B 509 -4.95 -35.07 37.85
N ASN B 510 -6.14 -35.52 37.49
CA ASN B 510 -7.21 -35.74 38.50
C ASN B 510 -7.59 -37.24 38.51
N ALA B 511 -7.05 -38.02 37.57
CA ALA B 511 -7.33 -39.47 37.47
C ALA B 511 -6.02 -40.16 37.07
N PRO B 512 -5.96 -41.50 37.04
CA PRO B 512 -4.74 -42.16 36.56
C PRO B 512 -4.33 -41.66 35.18
N ALA B 513 -3.03 -41.44 34.99
CA ALA B 513 -2.53 -40.91 33.71
C ALA B 513 -2.74 -41.91 32.59
N THR B 514 -3.17 -41.42 31.42
CA THR B 514 -3.40 -42.29 30.25
C THR B 514 -2.50 -41.92 29.09
N VAL B 515 -1.98 -40.69 29.08
CA VAL B 515 -1.07 -40.25 27.98
C VAL B 515 0.27 -39.87 28.61
N CYS B 516 1.34 -40.52 28.16
CA CYS B 516 2.67 -40.26 28.77
C CYS B 516 3.76 -40.35 27.70
N GLY B 517 5.00 -40.17 28.12
CA GLY B 517 6.12 -40.20 27.17
C GLY B 517 6.56 -41.61 26.85
N PRO B 518 7.54 -41.78 25.93
CA PRO B 518 8.03 -43.11 25.59
C PRO B 518 9.13 -43.62 26.50
N LYS B 519 9.34 -42.94 27.61
CA LYS B 519 10.43 -43.35 28.54
C LYS B 519 10.07 -44.68 29.22
N GLN B 520 11.09 -45.43 29.61
CA GLN B 520 10.86 -46.76 30.23
C GLN B 520 10.88 -46.64 31.75
N SER B 521 10.02 -47.41 32.42
CA SER B 521 9.97 -47.36 33.90
C SER B 521 11.26 -47.89 34.49
N THR B 522 11.72 -47.26 35.58
CA THR B 522 12.95 -47.72 36.25
C THR B 522 12.63 -48.52 37.50
N GLU B 523 13.64 -49.21 38.02
CA GLU B 523 13.42 -50.03 39.23
C GLU B 523 13.24 -49.13 40.46
N LEU B 524 12.34 -49.53 41.35
CA LEU B 524 12.08 -48.71 42.56
C LEU B 524 13.25 -48.87 43.55
N ILE B 525 13.63 -47.75 44.18
CA ILE B 525 14.69 -47.80 45.22
C ILE B 525 14.13 -47.14 46.48
N LYS B 526 14.04 -47.89 47.57
CA LYS B 526 13.42 -47.34 48.79
C LYS B 526 14.48 -47.02 49.85
N ASN B 527 14.09 -46.20 50.83
CA ASN B 527 14.98 -45.87 51.98
C ASN B 527 16.27 -45.17 51.54
N LYS B 528 16.25 -44.56 50.35
CA LYS B 528 17.45 -43.84 49.87
C LYS B 528 17.06 -42.48 49.28
N CYS B 529 17.94 -41.49 49.44
CA CYS B 529 17.66 -40.15 48.86
C CYS B 529 17.86 -40.23 47.34
N VAL B 530 16.75 -40.22 46.60
CA VAL B 530 16.85 -40.36 45.12
C VAL B 530 15.95 -39.33 44.45
N ASN B 531 16.19 -39.10 43.17
CA ASN B 531 15.30 -38.20 42.39
C ASN B 531 14.15 -39.03 41.82
N PHE B 532 12.92 -38.65 42.16
CA PHE B 532 11.76 -39.47 41.74
C PHE B 532 10.93 -38.72 40.71
N ASN B 533 10.40 -39.48 39.75
CA ASN B 533 9.54 -38.89 38.69
C ASN B 533 8.33 -39.81 38.53
N PHE B 534 7.25 -39.50 39.23
CA PHE B 534 6.02 -40.34 39.18
C PHE B 534 4.98 -39.63 38.32
N ASN B 535 4.86 -40.07 37.07
CA ASN B 535 3.83 -39.50 36.15
C ASN B 535 4.02 -37.99 36.03
N GLY B 536 5.27 -37.53 35.98
CA GLY B 536 5.54 -36.10 35.81
C GLY B 536 5.90 -35.40 37.11
N LEU B 537 5.56 -35.99 38.26
CA LEU B 537 5.88 -35.37 39.56
C LEU B 537 7.38 -35.54 39.82
N THR B 538 8.15 -34.46 39.62
CA THR B 538 9.62 -34.54 39.79
C THR B 538 10.02 -33.92 41.10
N GLY B 539 10.91 -34.60 41.82
CA GLY B 539 11.38 -34.06 43.10
C GLY B 539 12.49 -34.89 43.68
N THR B 540 13.00 -34.48 44.84
CA THR B 540 14.08 -35.22 45.51
C THR B 540 13.63 -35.56 46.92
N GLY B 541 13.81 -36.83 47.30
CA GLY B 541 13.39 -37.24 48.64
C GLY B 541 13.67 -38.70 48.87
N VAL B 542 13.33 -39.17 50.07
CA VAL B 542 13.52 -40.60 50.41
C VAL B 542 12.17 -41.30 50.33
N LEU B 543 12.11 -42.38 49.56
CA LEU B 543 10.84 -43.11 49.39
C LEU B 543 10.76 -44.24 50.42
N THR B 544 9.68 -44.25 51.20
CA THR B 544 9.47 -45.31 52.22
C THR B 544 8.09 -45.90 52.08
N ASP B 545 7.91 -47.10 52.62
CA ASP B 545 6.58 -47.74 52.58
C ASP B 545 5.57 -46.90 53.34
N SER B 546 4.38 -46.72 52.76
CA SER B 546 3.36 -45.86 53.39
C SER B 546 2.15 -46.69 53.84
N ASN B 547 1.58 -46.36 54.99
CA ASN B 547 0.35 -47.05 55.45
C ASN B 547 -0.90 -46.33 54.93
N LYS B 548 -0.73 -45.20 54.26
CA LYS B 548 -1.91 -44.46 53.76
C LYS B 548 -2.58 -45.23 52.64
N LYS B 549 -3.92 -45.21 52.63
CA LYS B 549 -4.68 -45.94 51.59
C LYS B 549 -5.28 -44.93 50.61
N PHE B 550 -4.88 -45.01 49.35
CA PHE B 550 -5.35 -44.03 48.34
C PHE B 550 -6.57 -44.57 47.61
N GLN B 551 -7.44 -43.66 47.21
CA GLN B 551 -8.61 -44.06 46.39
C GLN B 551 -8.15 -44.42 44.97
N SER B 552 -9.05 -45.06 44.21
CA SER B 552 -8.69 -45.47 42.83
C SER B 552 -8.35 -44.25 41.97
N PHE B 553 -9.01 -43.12 42.23
CA PHE B 553 -8.78 -41.91 41.39
C PHE B 553 -7.70 -41.01 42.01
N GLN B 554 -7.10 -41.42 43.11
CA GLN B 554 -6.09 -40.57 43.78
C GLN B 554 -4.68 -41.02 43.38
N GLN B 555 -3.83 -40.05 43.04
CA GLN B 555 -2.43 -40.37 42.66
C GLN B 555 -1.44 -39.75 43.65
N PHE B 556 -1.80 -38.64 44.29
CA PHE B 556 -0.83 -37.95 45.19
C PHE B 556 -1.50 -37.60 46.51
N GLY B 557 -0.70 -37.61 47.58
CA GLY B 557 -1.22 -37.26 48.91
C GLY B 557 -0.51 -36.02 49.44
N ARG B 558 -1.25 -35.20 50.20
CA ARG B 558 -0.66 -33.94 50.72
C ARG B 558 -0.83 -33.89 52.23
N ASP B 559 0.16 -33.32 52.90
CA ASP B 559 0.14 -33.23 54.38
C ASP B 559 -0.69 -32.02 54.83
N VAL B 560 -0.61 -31.69 56.11
CA VAL B 560 -1.37 -30.53 56.63
C VAL B 560 -0.81 -29.22 56.05
N SER B 561 0.45 -29.23 55.62
CA SER B 561 1.08 -28.01 55.06
C SER B 561 0.92 -27.95 53.54
N ASP B 562 0.01 -28.75 52.97
CA ASP B 562 -0.23 -28.76 51.51
C ASP B 562 1.03 -29.14 50.74
N PHE B 563 1.87 -29.99 51.34
CA PHE B 563 3.09 -30.47 50.65
C PHE B 563 2.92 -31.94 50.28
N THR B 564 3.39 -32.30 49.09
CA THR B 564 3.25 -33.70 48.63
C THR B 564 4.14 -34.61 49.46
N ASP B 565 3.53 -35.41 50.32
CA ASP B 565 4.32 -36.29 51.22
C ASP B 565 4.12 -37.77 50.86
N SER B 566 3.15 -38.08 50.00
CA SER B 566 2.92 -39.49 49.61
C SER B 566 2.53 -39.53 48.13
N VAL B 567 3.04 -40.53 47.42
CA VAL B 567 2.77 -40.64 45.97
C VAL B 567 2.41 -42.10 45.64
N LYS B 568 1.45 -42.28 44.75
CA LYS B 568 1.05 -43.65 44.34
C LYS B 568 1.88 -44.07 43.14
N ASP B 569 2.44 -45.26 43.20
CA ASP B 569 3.27 -45.77 42.09
C ASP B 569 2.35 -46.14 40.92
N PRO B 570 2.49 -45.52 39.72
CA PRO B 570 1.64 -45.92 38.61
C PRO B 570 1.83 -47.35 38.16
N LYS B 571 3.02 -47.92 38.34
CA LYS B 571 3.28 -49.28 37.80
C LYS B 571 2.85 -50.36 38.79
N THR B 572 3.18 -50.19 40.07
CA THR B 572 2.88 -51.25 41.07
C THR B 572 1.64 -50.91 41.89
N LEU B 573 1.03 -49.74 41.68
CA LEU B 573 -0.23 -49.36 42.38
C LEU B 573 -0.06 -49.35 43.91
N GLU B 574 1.15 -49.08 44.39
CA GLU B 574 1.36 -49.00 45.86
C GLU B 574 1.62 -47.55 46.26
N VAL B 575 1.43 -47.27 47.55
CA VAL B 575 1.62 -45.87 48.05
C VAL B 575 2.98 -45.77 48.73
N LEU B 576 3.74 -44.74 48.36
CA LEU B 576 5.09 -44.53 48.94
C LEU B 576 5.14 -43.17 49.63
N ASP B 577 5.68 -43.15 50.84
CA ASP B 577 5.84 -41.87 51.58
C ASP B 577 7.04 -41.10 51.05
N ILE B 578 6.91 -39.77 51.00
CA ILE B 578 8.02 -38.91 50.54
C ILE B 578 8.53 -38.12 51.76
N THR B 579 9.82 -38.22 52.02
CA THR B 579 10.42 -37.52 53.17
C THR B 579 11.62 -36.71 52.74
N PRO B 580 11.94 -35.59 53.41
CA PRO B 580 13.14 -34.85 53.07
C PRO B 580 14.39 -35.67 53.31
N CYS B 581 15.42 -35.43 52.50
CA CYS B 581 16.66 -36.23 52.60
C CYS B 581 17.45 -35.87 53.87
N SER B 582 17.16 -34.71 54.48
CA SER B 582 17.86 -34.33 55.72
C SER B 582 16.87 -33.77 56.74
N TYR B 583 17.17 -33.96 58.03
CA TYR B 583 16.31 -33.39 59.10
C TYR B 583 17.16 -32.48 59.96
N GLY B 584 16.66 -31.25 60.17
CA GLY B 584 17.39 -30.30 61.03
C GLY B 584 18.41 -29.49 60.28
N GLY B 585 18.95 -28.47 60.93
CA GLY B 585 19.96 -27.62 60.29
C GLY B 585 21.28 -28.35 60.13
N VAL B 586 21.91 -28.19 58.96
CA VAL B 586 23.22 -28.87 58.72
C VAL B 586 24.27 -27.80 58.42
N SER B 587 25.40 -27.88 59.11
CA SER B 587 26.49 -26.89 58.90
C SER B 587 27.73 -27.62 58.38
N VAL B 588 28.40 -27.03 57.39
CA VAL B 588 29.61 -27.68 56.80
C VAL B 588 30.85 -26.92 57.27
N ILE B 589 31.80 -27.65 57.84
CA ILE B 589 33.05 -26.99 58.33
C ILE B 589 34.16 -27.16 57.28
C1 NAG C . -16.36 -14.04 -3.56
C2 NAG C . -17.36 -14.74 -2.64
C3 NAG C . -17.54 -16.20 -3.03
C4 NAG C . -17.74 -16.38 -4.54
C5 NAG C . -16.78 -15.54 -5.37
C6 NAG C . -17.20 -15.50 -6.81
C7 NAG C . -17.56 -13.78 -0.39
C8 NAG C . -16.72 -13.34 0.77
N2 NAG C . -16.99 -14.64 -1.25
O3 NAG C . -18.68 -16.65 -2.32
O4 NAG C . -17.47 -17.74 -4.86
O5 NAG C . -16.78 -14.17 -4.91
O6 NAG C . -17.03 -16.77 -7.42
O7 NAG C . -18.70 -13.37 -0.56
C1 NAG C . -18.57 -18.59 -4.90
C2 NAG C . -18.27 -19.97 -5.48
C3 NAG C . -19.51 -20.85 -5.44
C4 NAG C . -20.10 -20.90 -4.05
C5 NAG C . -20.36 -19.48 -3.56
C6 NAG C . -20.85 -19.44 -2.13
C7 NAG C . -16.79 -20.69 -7.30
C8 NAG C . -16.36 -20.44 -8.72
N2 NAG C . -17.73 -19.88 -6.82
O3 NAG C . -19.19 -22.16 -5.89
O4 NAG C . -21.34 -21.60 -4.08
O5 NAG C . -19.13 -18.73 -3.59
O6 NAG C . -21.77 -20.49 -1.90
O7 NAG C . -16.30 -21.59 -6.62
#